data_6OR2
#
_entry.id   6OR2
#
_cell.length_a   80.814
_cell.length_b   129.457
_cell.length_c   154.591
_cell.angle_alpha   90.00
_cell.angle_beta   90.00
_cell.angle_gamma   90.00
#
_symmetry.space_group_name_H-M   'P 21 21 21'
#
loop_
_entity.id
_entity.type
_entity.pdbx_description
1 polymer 'Membrane protein, MmpL family protein'
2 non-polymer '(1S)-2-{[(S)-(2-aminoethoxy)(hydroxy)phosphoryl]oxy}-1-[(octadecanoyloxy)methyl]ethyl (9Z)-octadec-9-enoate'
3 non-polymer DODECYL-BETA-D-MALTOSIDE
4 water water
#
_entity_poly.entity_id   1
_entity_poly.type   'polypeptide(L)'
_entity_poly.pdbx_seq_one_letter_code
;MFAWWGRTVYQFRYIVIGVMVALCLGGGVYGISLGNHVTQSGFYDEGSQSVAASLIGDEVYGRDRTSHVVAILTPPDDKK
VTDKAWQKKVTEELDQVVKDHEDQIVGWVGWLKAPDTTDPTVSAMKTQDLRHTFISIPLQGDDDDEILKNYQVVEPELQQ
VNGGDIRLAGLNPLASELTGTIGEDQKRAEVAAIPLVAVVLFFVFGTVIAAALPAIIGGLAIAGALGIMRLVAEFTPVHF
FAQPVVTLIGLGIAIDYGLFIVSRFREEIAEGYDTEAAVRRTVMTSGRTVVFSAVIIVASSVPLLLFPQGFLKSITYAII
ASVMLAAILSITVLAAALAILGPRVDALGVTTLLKIPFLANWQFSRRIIDWFAEKTQKTKTREEVERGFWGRLVNVVMKR
PIAFAAPILVVMVLLIIPLGQLSLGGISEKYLPPDNAVRQSQEQFDKLFPGFRTEPLTLVMKREDGEPITDAQIADMRAK
ALTVSGFTDPDNDPEKMWKERPANDSGSKDPSVRVIQNGLENRNDAAKKIDELRALQPPHGIEVFVGGTPALEQDSIHSL
FDKLPLMALILIVTTTVLMFLAFGSVVLPIKAALMSALTLGSTMGILTWMFVDGHGSGLMNYTPQPLMAPMIGLIIAVIW
GLSTDYEVFLVSRMVEARERGMSTAEAIRIGTATTGRLITGAALILAVVAGAFVFSDLVMMKYLAFGLLIALLLDATIIR
MFLVPAVMKLLGDDCWWAPRWMKRVQEKLGLGETELPDERKRPTVRESETDQRHHHHHH
;
_entity_poly.pdbx_strand_id   A
#
# COMPACT_ATOMS: atom_id res chain seq x y z
N MET A 1 -23.28 12.63 -24.56
CA MET A 1 -23.02 11.38 -23.86
C MET A 1 -23.41 11.48 -22.39
N PHE A 2 -22.81 12.43 -21.67
CA PHE A 2 -23.24 12.71 -20.31
C PHE A 2 -24.56 13.46 -20.29
N ALA A 3 -24.84 14.25 -21.33
CA ALA A 3 -26.15 14.88 -21.45
C ALA A 3 -27.24 13.83 -21.62
N TRP A 4 -26.97 12.81 -22.43
CA TRP A 4 -27.93 11.72 -22.59
C TRP A 4 -28.12 10.95 -21.29
N TRP A 5 -27.01 10.56 -20.64
CA TRP A 5 -27.11 9.84 -19.38
C TRP A 5 -27.70 10.70 -18.27
N GLY A 6 -27.59 12.02 -18.37
CA GLY A 6 -28.16 12.87 -17.34
C GLY A 6 -29.66 12.76 -17.24
N ARG A 7 -30.34 12.59 -18.37
CA ARG A 7 -31.80 12.46 -18.36
C ARG A 7 -32.26 11.02 -18.23
N THR A 8 -31.46 10.04 -18.66
CA THR A 8 -31.86 8.65 -18.51
C THR A 8 -31.78 8.19 -17.07
N VAL A 9 -30.82 8.69 -16.29
CA VAL A 9 -30.72 8.33 -14.88
C VAL A 9 -31.89 8.91 -14.09
N TYR A 10 -32.58 9.92 -14.63
CA TYR A 10 -33.80 10.46 -14.03
C TYR A 10 -35.04 9.66 -14.43
N GLN A 11 -35.09 9.17 -15.67
CA GLN A 11 -36.27 8.42 -16.12
C GLN A 11 -36.29 7.01 -15.55
N PHE A 12 -35.14 6.45 -15.20
CA PHE A 12 -35.04 5.12 -14.62
C PHE A 12 -34.43 5.20 -13.23
N ARG A 13 -34.79 6.24 -12.47
CA ARG A 13 -34.13 6.52 -11.20
C ARG A 13 -34.44 5.47 -10.14
N TYR A 14 -35.66 4.91 -10.16
CA TYR A 14 -36.04 3.97 -9.12
C TYR A 14 -35.33 2.63 -9.29
N ILE A 15 -35.08 2.20 -10.52
CA ILE A 15 -34.49 0.89 -10.74
C ILE A 15 -32.97 0.91 -10.64
N VAL A 16 -32.32 2.01 -11.04
CA VAL A 16 -30.87 2.08 -10.91
C VAL A 16 -30.47 2.21 -9.45
N ILE A 17 -31.35 2.75 -8.61
CA ILE A 17 -31.12 2.73 -7.17
C ILE A 17 -31.30 1.30 -6.64
N GLY A 18 -32.37 0.64 -7.05
CA GLY A 18 -32.62 -0.70 -6.55
C GLY A 18 -31.60 -1.72 -7.01
N VAL A 19 -31.20 -1.66 -8.27
CA VAL A 19 -30.31 -2.69 -8.82
C VAL A 19 -28.87 -2.47 -8.37
N MET A 20 -28.35 -1.26 -8.55
CA MET A 20 -26.93 -1.03 -8.24
C MET A 20 -26.65 -1.12 -6.75
N VAL A 21 -27.60 -0.70 -5.90
CA VAL A 21 -27.41 -0.88 -4.46
C VAL A 21 -27.45 -2.36 -4.10
N ALA A 22 -28.29 -3.14 -4.79
CA ALA A 22 -28.37 -4.57 -4.52
C ALA A 22 -27.06 -5.27 -4.84
N LEU A 23 -26.42 -4.91 -5.96
CA LEU A 23 -25.12 -5.48 -6.29
C LEU A 23 -24.08 -5.09 -5.25
N CYS A 24 -24.08 -3.82 -4.84
CA CYS A 24 -23.11 -3.36 -3.84
C CYS A 24 -23.36 -4.00 -2.48
N LEU A 25 -24.63 -4.26 -2.14
CA LEU A 25 -24.93 -4.95 -0.88
C LEU A 25 -24.68 -6.44 -0.97
N GLY A 26 -24.87 -7.03 -2.15
CA GLY A 26 -24.58 -8.45 -2.31
C GLY A 26 -23.10 -8.77 -2.19
N GLY A 27 -22.25 -7.90 -2.75
CA GLY A 27 -20.81 -8.06 -2.61
C GLY A 27 -20.30 -7.84 -1.22
N GLY A 28 -21.07 -7.15 -0.38
CA GLY A 28 -20.65 -6.95 1.00
C GLY A 28 -20.67 -8.24 1.81
N VAL A 29 -21.79 -8.95 1.80
CA VAL A 29 -21.88 -10.20 2.53
C VAL A 29 -20.99 -11.26 1.88
N TYR A 30 -20.85 -11.22 0.55
CA TYR A 30 -19.91 -12.11 -0.13
C TYR A 30 -18.47 -11.69 0.13
N GLY A 31 -18.25 -10.43 0.49
CA GLY A 31 -16.92 -9.93 0.80
C GLY A 31 -16.53 -10.00 2.26
N ILE A 32 -17.46 -10.37 3.15
CA ILE A 32 -17.10 -10.58 4.55
C ILE A 32 -16.08 -11.71 4.66
N SER A 33 -16.20 -12.73 3.80
CA SER A 33 -15.30 -13.86 3.78
C SER A 33 -13.97 -13.57 3.07
N LEU A 34 -13.72 -12.32 2.68
CA LEU A 34 -12.49 -12.00 1.97
C LEU A 34 -11.27 -12.17 2.86
N GLY A 35 -11.41 -11.88 4.16
CA GLY A 35 -10.29 -12.01 5.09
C GLY A 35 -9.80 -13.43 5.29
N ASN A 36 -10.56 -14.43 4.83
CA ASN A 36 -10.20 -15.83 4.96
C ASN A 36 -9.53 -16.39 3.71
N HIS A 37 -9.27 -15.54 2.71
CA HIS A 37 -8.72 -15.99 1.44
C HIS A 37 -7.65 -15.01 0.94
N VAL A 38 -6.77 -14.59 1.85
CA VAL A 38 -5.72 -13.64 1.52
C VAL A 38 -4.37 -14.28 1.81
N THR A 39 -3.36 -13.82 1.07
CA THR A 39 -2.00 -14.34 1.17
C THR A 39 -1.05 -13.24 1.60
N GLN A 40 0.13 -13.66 2.08
CA GLN A 40 1.12 -12.72 2.61
C GLN A 40 2.36 -12.58 1.75
N SER A 41 2.52 -13.39 0.71
CA SER A 41 3.69 -13.31 -0.14
C SER A 41 3.35 -12.62 -1.45
N GLY A 42 4.37 -12.03 -2.07
CA GLY A 42 4.20 -11.29 -3.30
C GLY A 42 5.14 -10.10 -3.36
N PHE A 43 6.13 -10.07 -2.47
CA PHE A 43 7.12 -9.00 -2.43
C PHE A 43 8.33 -9.27 -3.31
N TYR A 44 8.46 -10.48 -3.86
CA TYR A 44 9.62 -10.88 -4.63
C TYR A 44 9.26 -11.12 -6.09
N ASP A 45 10.27 -11.00 -6.95
CA ASP A 45 10.11 -11.28 -8.37
C ASP A 45 10.01 -12.79 -8.55
N GLU A 46 8.79 -13.28 -8.79
CA GLU A 46 8.55 -14.72 -8.84
C GLU A 46 9.24 -15.40 -10.01
N GLY A 47 9.65 -14.64 -11.02
CA GLY A 47 10.37 -15.21 -12.15
C GLY A 47 11.84 -14.89 -12.14
N SER A 48 12.44 -14.85 -10.95
CA SER A 48 13.84 -14.50 -10.77
C SER A 48 14.64 -15.75 -10.38
N GLN A 49 15.95 -15.55 -10.24
CA GLN A 49 16.84 -16.64 -9.88
C GLN A 49 16.78 -16.97 -8.39
N SER A 50 16.72 -15.94 -7.54
CA SER A 50 16.66 -16.17 -6.10
C SER A 50 15.39 -16.92 -5.70
N VAL A 51 14.29 -16.71 -6.42
CA VAL A 51 13.08 -17.49 -6.16
C VAL A 51 13.24 -18.90 -6.69
N ALA A 52 13.84 -19.05 -7.88
CA ALA A 52 14.14 -20.37 -8.40
C ALA A 52 15.07 -21.14 -7.45
N ALA A 53 16.05 -20.43 -6.88
CA ALA A 53 16.93 -21.07 -5.90
C ALA A 53 16.17 -21.49 -4.65
N SER A 54 15.06 -20.82 -4.35
CA SER A 54 14.24 -21.21 -3.21
C SER A 54 13.33 -22.39 -3.55
N LEU A 55 12.79 -22.42 -4.76
CA LEU A 55 11.95 -23.54 -5.18
C LEU A 55 12.76 -24.82 -5.30
N ILE A 56 13.95 -24.73 -5.91
CA ILE A 56 14.80 -25.92 -6.04
C ILE A 56 15.28 -26.37 -4.67
N GLY A 57 15.68 -25.42 -3.81
CA GLY A 57 16.20 -25.79 -2.51
C GLY A 57 15.17 -26.46 -1.62
N ASP A 58 13.94 -25.95 -1.63
CA ASP A 58 12.87 -26.58 -0.85
C ASP A 58 12.49 -27.93 -1.43
N GLU A 59 12.62 -28.10 -2.75
CA GLU A 59 12.26 -29.39 -3.35
C GLU A 59 13.28 -30.47 -2.99
N VAL A 60 14.55 -30.10 -2.87
CA VAL A 60 15.61 -31.07 -2.63
C VAL A 60 15.88 -31.25 -1.14
N TYR A 61 16.11 -30.16 -0.43
CA TYR A 61 16.48 -30.23 0.98
C TYR A 61 15.28 -30.17 1.93
N GLY A 62 14.12 -29.76 1.46
CA GLY A 62 12.95 -29.72 2.32
C GLY A 62 12.77 -28.38 2.99
N ARG A 63 11.50 -28.06 3.27
CA ARG A 63 11.17 -26.79 3.90
C ARG A 63 11.66 -26.77 5.35
N ASP A 64 12.22 -25.63 5.75
CA ASP A 64 12.72 -25.46 7.11
C ASP A 64 11.61 -24.94 8.01
N ARG A 65 11.23 -25.73 9.01
CA ARG A 65 10.20 -25.35 9.97
C ARG A 65 10.77 -25.07 11.35
N THR A 66 12.10 -24.97 11.48
CA THR A 66 12.73 -24.71 12.77
C THR A 66 12.57 -23.26 13.22
N SER A 67 12.39 -22.34 12.28
CA SER A 67 12.24 -20.92 12.59
C SER A 67 10.80 -20.48 12.68
N HIS A 68 9.85 -21.42 12.59
CA HIS A 68 8.43 -21.07 12.67
C HIS A 68 8.10 -20.40 14.00
N VAL A 69 8.42 -21.06 15.12
CA VAL A 69 8.19 -20.54 16.45
C VAL A 69 9.41 -20.84 17.31
N VAL A 70 9.91 -19.84 18.03
CA VAL A 70 10.92 -20.03 19.06
C VAL A 70 10.36 -19.45 20.36
N ALA A 71 10.28 -20.30 21.38
CA ALA A 71 9.66 -19.94 22.66
C ALA A 71 10.73 -19.89 23.74
N ILE A 72 10.87 -18.73 24.37
CA ILE A 72 11.87 -18.53 25.42
C ILE A 72 11.20 -18.86 26.76
N LEU A 73 11.67 -19.92 27.41
CA LEU A 73 11.14 -20.38 28.68
C LEU A 73 12.06 -19.95 29.82
N THR A 74 11.48 -19.35 30.86
CA THR A 74 12.24 -18.82 31.99
C THR A 74 11.61 -19.36 33.28
N PRO A 75 12.38 -20.05 34.13
CA PRO A 75 11.80 -20.61 35.35
C PRO A 75 11.56 -19.52 36.38
N PRO A 76 10.45 -19.62 37.13
CA PRO A 76 10.18 -18.61 38.16
C PRO A 76 11.06 -18.80 39.38
N ASP A 77 11.08 -17.75 40.21
CA ASP A 77 11.83 -17.73 41.47
C ASP A 77 13.33 -17.96 41.25
N ASP A 78 13.86 -17.43 40.15
CA ASP A 78 15.29 -17.50 39.82
C ASP A 78 15.81 -18.94 39.84
N LYS A 79 14.93 -19.90 39.56
CA LYS A 79 15.34 -21.29 39.45
C LYS A 79 16.06 -21.51 38.13
N LYS A 80 17.05 -22.41 38.15
CA LYS A 80 17.79 -22.72 36.95
C LYS A 80 17.04 -23.75 36.12
N VAL A 81 17.33 -23.76 34.81
CA VAL A 81 16.68 -24.68 33.90
C VAL A 81 17.02 -26.13 34.19
N THR A 82 18.05 -26.39 34.99
CA THR A 82 18.39 -27.74 35.43
C THR A 82 17.47 -28.26 36.52
N ASP A 83 16.56 -27.43 37.02
CA ASP A 83 15.57 -27.87 38.01
C ASP A 83 14.71 -28.98 37.41
N LYS A 84 14.95 -30.23 37.83
CA LYS A 84 14.24 -31.37 37.24
C LYS A 84 12.74 -31.27 37.43
N ALA A 85 12.29 -30.72 38.56
CA ALA A 85 10.86 -30.58 38.79
C ALA A 85 10.23 -29.58 37.82
N TRP A 86 10.96 -28.49 37.52
CA TRP A 86 10.43 -27.50 36.59
C TRP A 86 10.41 -28.03 35.17
N GLN A 87 11.43 -28.80 34.78
CA GLN A 87 11.45 -29.39 33.45
C GLN A 87 10.26 -30.30 33.23
N LYS A 88 9.93 -31.14 34.21
CA LYS A 88 8.80 -32.04 34.08
C LYS A 88 7.48 -31.28 33.97
N LYS A 89 7.38 -30.12 34.60
CA LYS A 89 6.13 -29.37 34.58
C LYS A 89 5.89 -28.74 33.21
N VAL A 90 6.91 -28.14 32.62
CA VAL A 90 6.71 -27.44 31.36
C VAL A 90 6.69 -28.40 30.18
N THR A 91 7.40 -29.53 30.27
CA THR A 91 7.37 -30.51 29.18
C THR A 91 5.99 -31.13 29.04
N GLU A 92 5.32 -31.41 30.15
CA GLU A 92 3.95 -31.91 30.09
C GLU A 92 3.02 -30.86 29.49
N GLU A 93 3.21 -29.59 29.84
CA GLU A 93 2.40 -28.53 29.25
C GLU A 93 2.63 -28.43 27.75
N LEU A 94 3.89 -28.59 27.31
CA LEU A 94 4.18 -28.61 25.88
C LEU A 94 3.63 -29.87 25.23
N ASP A 95 3.87 -31.03 25.84
CA ASP A 95 3.28 -32.28 25.34
C ASP A 95 1.76 -32.23 25.33
N GLN A 96 1.16 -31.40 26.19
CA GLN A 96 -0.30 -31.30 26.26
C GLN A 96 -0.87 -30.51 25.09
N VAL A 97 -0.25 -29.39 24.72
CA VAL A 97 -0.78 -28.60 23.62
C VAL A 97 -0.50 -29.27 22.29
N VAL A 98 0.58 -30.04 22.19
CA VAL A 98 0.84 -30.82 20.98
C VAL A 98 -0.16 -31.96 20.88
N LYS A 99 -0.49 -32.58 22.02
CA LYS A 99 -1.49 -33.64 22.03
C LYS A 99 -2.86 -33.11 21.58
N ASP A 100 -3.23 -31.92 22.05
CA ASP A 100 -4.51 -31.32 21.70
C ASP A 100 -4.52 -30.68 20.31
N HIS A 101 -3.36 -30.50 19.69
CA HIS A 101 -3.26 -29.80 18.41
C HIS A 101 -2.28 -30.52 17.48
N GLU A 102 -2.45 -31.85 17.36
CA GLU A 102 -1.57 -32.61 16.46
C GLU A 102 -1.72 -32.15 15.02
N ASP A 103 -2.89 -31.61 14.66
CA ASP A 103 -3.14 -31.18 13.28
C ASP A 103 -2.56 -29.82 12.96
N GLN A 104 -2.12 -29.05 13.97
CA GLN A 104 -1.46 -27.77 13.74
C GLN A 104 0.02 -27.79 14.06
N ILE A 105 0.46 -28.61 15.02
CA ILE A 105 1.84 -28.66 15.45
C ILE A 105 2.42 -30.02 15.09
N VAL A 106 3.57 -30.02 14.41
CA VAL A 106 4.36 -31.24 14.28
C VAL A 106 4.82 -31.70 15.66
N GLY A 107 5.55 -30.84 16.35
CA GLY A 107 6.00 -31.13 17.69
C GLY A 107 6.86 -29.98 18.18
N TRP A 108 7.45 -30.14 19.36
CA TRP A 108 8.40 -29.18 19.87
C TRP A 108 9.78 -29.84 20.00
N VAL A 109 10.81 -29.01 19.88
CA VAL A 109 12.19 -29.48 19.78
C VAL A 109 13.07 -28.55 20.61
N GLY A 110 13.93 -29.12 21.44
CA GLY A 110 14.84 -28.29 22.20
C GLY A 110 15.59 -29.08 23.25
N TRP A 111 16.40 -28.32 24.01
CA TRP A 111 17.24 -28.90 25.06
C TRP A 111 16.41 -29.53 26.16
N LEU A 112 15.16 -29.08 26.34
CA LEU A 112 14.29 -29.71 27.33
C LEU A 112 13.97 -31.15 26.96
N LYS A 113 13.85 -31.44 25.65
CA LYS A 113 13.56 -32.79 25.20
C LYS A 113 14.72 -33.75 25.41
N ALA A 114 15.90 -33.23 25.76
CA ALA A 114 17.08 -34.05 26.03
C ALA A 114 18.05 -33.26 26.90
N PRO A 115 17.77 -33.10 28.20
CA PRO A 115 18.64 -32.26 29.04
C PRO A 115 20.08 -32.75 29.10
N ASP A 116 20.28 -34.07 29.08
CA ASP A 116 21.61 -34.67 29.08
C ASP A 116 21.95 -35.04 27.64
N THR A 117 22.56 -34.11 26.93
CA THR A 117 22.89 -34.30 25.52
C THR A 117 24.28 -33.76 25.23
N THR A 118 24.89 -34.27 24.17
CA THR A 118 26.22 -33.85 23.75
C THR A 118 26.20 -33.02 22.47
N ASP A 119 25.01 -32.73 21.94
CA ASP A 119 24.91 -31.92 20.74
C ASP A 119 25.19 -30.45 21.08
N PRO A 120 26.18 -29.82 20.43
CA PRO A 120 26.53 -28.43 20.76
C PRO A 120 25.41 -27.43 20.48
N THR A 121 24.83 -27.51 19.28
CA THR A 121 23.76 -26.58 18.94
C THR A 121 22.56 -26.75 19.85
N VAL A 122 22.28 -27.98 20.28
CA VAL A 122 21.20 -28.21 21.24
C VAL A 122 21.60 -27.72 22.63
N SER A 123 22.89 -27.86 22.98
CA SER A 123 23.37 -27.32 24.24
C SER A 123 23.48 -25.81 24.21
N ALA A 124 23.55 -25.20 23.02
CA ALA A 124 23.52 -23.75 22.89
C ALA A 124 22.11 -23.18 23.02
N MET A 125 21.08 -24.04 23.06
CA MET A 125 19.71 -23.62 23.29
C MET A 125 19.43 -23.27 24.74
N LYS A 126 20.51 -23.10 25.51
CA LYS A 126 20.44 -22.70 26.90
C LYS A 126 21.54 -21.66 27.17
N THR A 127 21.24 -20.71 28.04
CA THR A 127 22.18 -19.64 28.33
C THR A 127 23.25 -20.11 29.32
N GLN A 128 24.38 -19.40 29.31
CA GLN A 128 25.53 -19.80 30.12
C GLN A 128 25.24 -19.75 31.62
N ASP A 129 24.26 -18.95 32.05
CA ASP A 129 23.89 -18.87 33.45
C ASP A 129 22.74 -19.79 33.80
N LEU A 130 22.30 -20.64 32.86
CA LEU A 130 21.26 -21.64 33.09
C LEU A 130 19.93 -21.01 33.52
N ARG A 131 19.69 -19.78 33.10
CA ARG A 131 18.46 -19.07 33.46
C ARG A 131 17.43 -19.02 32.34
N HIS A 132 17.82 -19.33 31.10
CA HIS A 132 16.91 -19.29 29.97
C HIS A 132 17.22 -20.45 29.02
N THR A 133 16.17 -20.93 28.36
CA THR A 133 16.31 -21.92 27.31
C THR A 133 15.15 -21.75 26.34
N PHE A 134 15.40 -22.00 25.06
CA PHE A 134 14.38 -21.84 24.05
C PHE A 134 14.13 -23.17 23.33
N ILE A 135 12.93 -23.29 22.78
CA ILE A 135 12.50 -24.45 22.02
C ILE A 135 12.02 -23.98 20.66
N SER A 136 12.10 -24.88 19.68
CA SER A 136 11.55 -24.65 18.35
C SER A 136 10.28 -25.48 18.19
N ILE A 137 9.23 -24.85 17.69
CA ILE A 137 7.93 -25.50 17.56
C ILE A 137 7.52 -25.52 16.10
N PRO A 138 7.99 -26.48 15.31
CA PRO A 138 7.60 -26.54 13.89
C PRO A 138 6.10 -26.74 13.74
N LEU A 139 5.52 -26.08 12.74
CA LEU A 139 4.08 -26.07 12.52
C LEU A 139 3.72 -26.78 11.23
N GLN A 140 2.48 -27.25 11.17
CA GLN A 140 1.95 -27.91 9.98
C GLN A 140 1.56 -26.87 8.94
N GLY A 141 1.60 -27.29 7.68
CA GLY A 141 1.21 -26.45 6.57
C GLY A 141 2.05 -26.65 5.33
N ASP A 142 1.45 -26.45 4.16
CA ASP A 142 2.14 -26.60 2.89
C ASP A 142 2.63 -25.28 2.31
N ASP A 143 2.03 -24.15 2.69
CA ASP A 143 2.50 -22.83 2.30
C ASP A 143 2.53 -21.93 3.52
N ASP A 144 3.17 -20.76 3.36
CA ASP A 144 3.36 -19.84 4.48
C ASP A 144 2.04 -19.34 5.05
N ASP A 145 0.95 -19.39 4.27
CA ASP A 145 -0.34 -18.92 4.77
C ASP A 145 -1.00 -19.95 5.66
N GLU A 146 -0.94 -21.23 5.29
CA GLU A 146 -1.50 -22.29 6.15
C GLU A 146 -0.72 -22.43 7.44
N ILE A 147 0.60 -22.19 7.39
CA ILE A 147 1.41 -22.26 8.60
C ILE A 147 1.01 -21.16 9.59
N LEU A 148 0.84 -19.94 9.10
CA LEU A 148 0.47 -18.84 9.97
C LEU A 148 -0.91 -19.04 10.58
N LYS A 149 -1.86 -19.57 9.79
CA LYS A 149 -3.20 -19.83 10.30
C LYS A 149 -3.21 -20.93 11.35
N ASN A 150 -2.19 -21.78 11.39
CA ASN A 150 -2.09 -22.79 12.43
C ASN A 150 -1.46 -22.25 13.71
N TYR A 151 -0.55 -21.28 13.60
CA TYR A 151 0.03 -20.66 14.80
C TYR A 151 -1.02 -19.91 15.60
N GLN A 152 -1.99 -19.28 14.92
CA GLN A 152 -3.00 -18.48 15.59
C GLN A 152 -4.04 -19.34 16.32
N VAL A 153 -4.13 -20.63 16.01
CA VAL A 153 -5.02 -21.51 16.75
C VAL A 153 -4.41 -21.92 18.08
N VAL A 154 -3.08 -21.98 18.16
CA VAL A 154 -2.39 -22.51 19.34
C VAL A 154 -1.76 -21.43 20.20
N GLU A 155 -1.63 -20.20 19.70
CA GLU A 155 -0.95 -19.16 20.46
C GLU A 155 -1.54 -18.90 21.84
N PRO A 156 -2.87 -18.85 22.04
CA PRO A 156 -3.37 -18.64 23.41
C PRO A 156 -2.99 -19.75 24.38
N GLU A 157 -3.19 -21.02 24.00
CA GLU A 157 -2.79 -22.12 24.88
C GLU A 157 -1.27 -22.19 25.01
N LEU A 158 -0.54 -21.84 23.95
CA LEU A 158 0.92 -21.83 24.03
C LEU A 158 1.42 -20.72 24.92
N GLN A 159 0.73 -19.58 24.93
CA GLN A 159 1.11 -18.45 25.77
C GLN A 159 0.79 -18.67 27.25
N GLN A 160 -0.03 -19.67 27.57
CA GLN A 160 -0.42 -19.94 28.95
C GLN A 160 0.52 -20.90 29.66
N VAL A 161 1.47 -21.51 28.97
CA VAL A 161 2.38 -22.45 29.63
C VAL A 161 3.39 -21.67 30.47
N ASN A 162 3.98 -22.38 31.44
CA ASN A 162 4.96 -21.81 32.35
C ASN A 162 4.39 -20.60 33.10
N GLY A 163 3.14 -20.72 33.53
CA GLY A 163 2.47 -19.63 34.23
C GLY A 163 2.32 -18.38 33.39
N GLY A 164 2.23 -18.53 32.07
CA GLY A 164 2.18 -17.41 31.17
C GLY A 164 3.52 -16.81 30.80
N ASP A 165 4.59 -17.20 31.48
CA ASP A 165 5.92 -16.63 31.26
C ASP A 165 6.60 -17.42 30.13
N ILE A 166 6.25 -17.06 28.90
CA ILE A 166 6.85 -17.64 27.72
C ILE A 166 6.83 -16.63 26.59
N ARG A 167 8.00 -16.32 26.03
CA ARG A 167 8.14 -15.31 24.99
C ARG A 167 8.11 -15.99 23.63
N LEU A 168 7.12 -15.64 22.82
CA LEU A 168 6.95 -16.23 21.50
C LEU A 168 7.59 -15.33 20.45
N ALA A 169 8.54 -15.87 19.68
CA ALA A 169 9.22 -15.15 18.63
C ALA A 169 9.36 -16.06 17.42
N GLY A 170 9.95 -15.54 16.35
CA GLY A 170 10.12 -16.30 15.13
C GLY A 170 9.36 -15.74 13.95
N LEU A 171 9.18 -16.58 12.92
CA LEU A 171 8.53 -16.11 11.69
C LEU A 171 7.06 -15.84 11.89
N ASN A 172 6.37 -16.69 12.65
CA ASN A 172 4.91 -16.62 12.74
C ASN A 172 4.41 -15.68 13.84
N PRO A 173 5.05 -15.62 15.02
CA PRO A 173 4.65 -14.57 15.99
C PRO A 173 4.73 -13.17 15.43
N LEU A 174 5.74 -12.89 14.58
CA LEU A 174 5.86 -11.58 13.96
C LEU A 174 4.83 -11.38 12.86
N ALA A 175 4.68 -12.39 11.99
CA ALA A 175 3.73 -12.29 10.88
C ALA A 175 2.31 -12.08 11.40
N SER A 176 1.96 -12.75 12.51
CA SER A 176 0.67 -12.51 13.12
C SER A 176 0.54 -11.08 13.62
N GLU A 177 1.63 -10.54 14.17
CA GLU A 177 1.60 -9.17 14.69
C GLU A 177 1.64 -8.15 13.56
N LEU A 178 2.31 -8.48 12.45
CA LEU A 178 2.37 -7.56 11.31
C LEU A 178 1.02 -7.50 10.60
N THR A 179 0.49 -8.65 10.19
CA THR A 179 -0.82 -8.68 9.56
C THR A 179 -1.94 -8.27 10.51
N GLY A 180 -1.69 -8.36 11.82
CA GLY A 180 -2.68 -7.91 12.79
C GLY A 180 -2.83 -6.41 12.86
N THR A 181 -1.83 -5.66 12.38
CA THR A 181 -1.97 -4.21 12.31
C THR A 181 -3.09 -3.78 11.38
N ILE A 182 -3.48 -4.65 10.44
CA ILE A 182 -4.58 -4.34 9.53
C ILE A 182 -5.86 -4.10 10.32
N GLY A 183 -6.23 -5.07 11.17
CA GLY A 183 -7.42 -4.91 11.99
C GLY A 183 -7.32 -3.76 12.97
N GLU A 184 -6.13 -3.50 13.49
CA GLU A 184 -5.94 -2.34 14.35
C GLU A 184 -6.19 -1.04 13.58
N ASP A 185 -5.87 -1.03 12.29
CA ASP A 185 -6.07 0.17 11.48
C ASP A 185 -7.51 0.34 11.05
N GLN A 186 -8.22 -0.77 10.81
CA GLN A 186 -9.62 -0.67 10.41
C GLN A 186 -10.49 -0.20 11.56
N LYS A 187 -10.33 -0.82 12.75
CA LYS A 187 -11.10 -0.41 13.91
C LYS A 187 -10.83 1.04 14.29
N ARG A 188 -9.59 1.50 14.07
CA ARG A 188 -9.27 2.90 14.35
C ARG A 188 -9.98 3.84 13.39
N ALA A 189 -10.19 3.41 12.15
CA ALA A 189 -10.93 4.24 11.20
C ALA A 189 -12.43 4.19 11.45
N GLU A 190 -12.93 3.10 12.03
CA GLU A 190 -14.36 2.95 12.28
C GLU A 190 -14.82 3.71 13.53
N VAL A 191 -13.89 4.12 14.39
CA VAL A 191 -14.24 4.82 15.62
C VAL A 191 -13.66 6.22 15.69
N ALA A 192 -12.69 6.55 14.84
CA ALA A 192 -12.06 7.87 14.87
C ALA A 192 -12.10 8.61 13.54
N ALA A 193 -12.11 7.90 12.42
CA ALA A 193 -12.11 8.54 11.11
C ALA A 193 -13.52 8.77 10.58
N ILE A 194 -14.35 7.73 10.56
CA ILE A 194 -15.70 7.83 10.03
C ILE A 194 -16.61 8.72 10.88
N PRO A 195 -16.32 8.99 12.19
CA PRO A 195 -17.07 10.06 12.86
C PRO A 195 -16.55 11.43 12.49
N LEU A 196 -15.24 11.55 12.26
CA LEU A 196 -14.67 12.84 11.87
C LEU A 196 -15.14 13.26 10.49
N VAL A 197 -15.17 12.32 9.53
CA VAL A 197 -15.67 12.64 8.21
C VAL A 197 -17.16 12.87 8.20
N ALA A 198 -17.86 12.54 9.29
CA ALA A 198 -19.28 12.84 9.39
C ALA A 198 -19.52 14.31 9.71
N VAL A 199 -18.69 14.90 10.59
CA VAL A 199 -18.83 16.31 10.90
C VAL A 199 -18.18 17.20 9.84
N VAL A 200 -17.23 16.66 9.06
CA VAL A 200 -16.69 17.42 7.94
C VAL A 200 -17.72 17.49 6.82
N LEU A 201 -18.46 16.41 6.59
CA LEU A 201 -19.49 16.41 5.56
C LEU A 201 -20.62 17.37 5.90
N PHE A 202 -20.96 17.49 7.18
CA PHE A 202 -22.07 18.35 7.55
C PHE A 202 -21.72 19.83 7.47
N PHE A 203 -20.43 20.18 7.58
CA PHE A 203 -20.03 21.58 7.50
C PHE A 203 -19.87 22.06 6.07
N VAL A 204 -20.19 21.23 5.08
CA VAL A 204 -20.20 21.67 3.68
C VAL A 204 -21.62 21.69 3.11
N PHE A 205 -22.58 21.01 3.74
CA PHE A 205 -23.95 20.93 3.24
C PHE A 205 -24.98 21.54 4.18
N GLY A 206 -24.73 21.52 5.49
CA GLY A 206 -25.65 22.11 6.45
C GLY A 206 -26.90 21.29 6.74
N THR A 207 -27.11 20.19 6.02
CA THR A 207 -28.27 19.33 6.23
C THR A 207 -27.81 17.88 6.20
N VAL A 208 -28.49 17.03 6.97
CA VAL A 208 -27.99 15.69 7.22
C VAL A 208 -28.07 14.83 5.97
N ILE A 209 -29.15 14.97 5.19
CA ILE A 209 -29.35 14.10 4.04
C ILE A 209 -28.32 14.38 2.95
N ALA A 210 -28.05 15.67 2.68
CA ALA A 210 -27.03 16.00 1.71
C ALA A 210 -25.66 15.53 2.15
N ALA A 211 -25.41 15.49 3.46
CA ALA A 211 -24.13 15.04 3.97
C ALA A 211 -24.02 13.52 4.04
N ALA A 212 -25.15 12.83 4.24
CA ALA A 212 -25.13 11.38 4.37
C ALA A 212 -24.98 10.67 3.03
N LEU A 213 -25.36 11.30 1.93
CA LEU A 213 -25.30 10.65 0.63
C LEU A 213 -23.86 10.31 0.20
N PRO A 214 -22.88 11.20 0.32
CA PRO A 214 -21.51 10.79 -0.04
C PRO A 214 -20.95 9.68 0.83
N ALA A 215 -21.39 9.60 2.10
CA ALA A 215 -20.94 8.51 2.96
C ALA A 215 -21.59 7.19 2.56
N ILE A 216 -22.87 7.23 2.18
CA ILE A 216 -23.55 6.03 1.70
C ILE A 216 -22.89 5.52 0.43
N ILE A 217 -22.59 6.43 -0.50
CA ILE A 217 -21.89 6.04 -1.72
C ILE A 217 -20.53 5.44 -1.39
N GLY A 218 -19.82 6.04 -0.43
CA GLY A 218 -18.54 5.49 -0.02
C GLY A 218 -18.65 4.13 0.66
N GLY A 219 -19.74 3.92 1.41
CA GLY A 219 -19.97 2.61 2.00
C GLY A 219 -20.37 1.57 0.97
N LEU A 220 -21.25 1.94 0.04
CA LEU A 220 -21.61 1.03 -1.04
C LEU A 220 -20.42 0.71 -1.91
N ALA A 221 -19.48 1.65 -2.05
CA ALA A 221 -18.32 1.42 -2.91
C ALA A 221 -17.41 0.35 -2.33
N ILE A 222 -17.06 0.46 -1.05
CA ILE A 222 -16.18 -0.54 -0.44
C ILE A 222 -16.92 -1.85 -0.26
N ALA A 223 -18.24 -1.81 -0.07
CA ALA A 223 -19.01 -3.04 0.05
C ALA A 223 -18.97 -3.84 -1.24
N GLY A 224 -19.15 -3.18 -2.37
CA GLY A 224 -19.03 -3.84 -3.66
C GLY A 224 -17.60 -4.12 -4.08
N ALA A 225 -16.63 -3.38 -3.53
CA ALA A 225 -15.23 -3.61 -3.88
C ALA A 225 -14.65 -4.80 -3.15
N LEU A 226 -15.04 -5.03 -1.90
CA LEU A 226 -14.59 -6.22 -1.19
C LEU A 226 -15.14 -7.49 -1.81
N GLY A 227 -16.29 -7.39 -2.48
CA GLY A 227 -16.88 -8.54 -3.16
C GLY A 227 -16.20 -8.84 -4.47
N ILE A 228 -15.76 -7.79 -5.17
CA ILE A 228 -15.02 -7.99 -6.41
C ILE A 228 -13.70 -8.71 -6.14
N MET A 229 -12.98 -8.28 -5.10
CA MET A 229 -11.70 -8.89 -4.79
C MET A 229 -11.86 -10.32 -4.26
N ARG A 230 -12.98 -10.61 -3.58
CA ARG A 230 -13.25 -11.99 -3.17
C ARG A 230 -13.49 -12.88 -4.38
N LEU A 231 -14.03 -12.32 -5.46
CA LEU A 231 -14.16 -13.07 -6.70
C LEU A 231 -12.82 -13.22 -7.39
N VAL A 232 -11.96 -12.20 -7.28
CA VAL A 232 -10.62 -12.29 -7.87
C VAL A 232 -9.80 -13.37 -7.18
N ALA A 233 -10.00 -13.53 -5.86
CA ALA A 233 -9.29 -14.55 -5.10
C ALA A 233 -9.67 -15.96 -5.52
N GLU A 234 -10.76 -16.14 -6.26
CA GLU A 234 -11.13 -17.46 -6.76
C GLU A 234 -10.25 -17.91 -7.91
N PHE A 235 -9.46 -17.01 -8.49
CA PHE A 235 -8.61 -17.33 -9.64
C PHE A 235 -7.13 -17.10 -9.34
N THR A 236 -6.78 -15.95 -8.78
CA THR A 236 -5.41 -15.60 -8.43
C THR A 236 -5.36 -15.13 -6.99
N PRO A 237 -4.21 -15.24 -6.33
CA PRO A 237 -4.11 -14.79 -4.94
C PRO A 237 -4.19 -13.28 -4.80
N VAL A 238 -4.61 -12.83 -3.62
CA VAL A 238 -4.69 -11.42 -3.28
C VAL A 238 -4.05 -11.21 -1.91
N HIS A 239 -3.43 -10.04 -1.73
CA HIS A 239 -2.60 -9.75 -0.58
C HIS A 239 -3.42 -9.14 0.57
N PHE A 240 -2.85 -9.19 1.77
CA PHE A 240 -3.56 -8.61 2.91
CA PHE A 240 -3.51 -8.61 2.95
C PHE A 240 -3.62 -7.09 2.83
N PHE A 241 -2.59 -6.46 2.26
CA PHE A 241 -2.53 -5.00 2.17
C PHE A 241 -3.59 -4.41 1.26
N ALA A 242 -4.26 -5.21 0.44
CA ALA A 242 -5.29 -4.71 -0.47
C ALA A 242 -6.62 -4.42 0.22
N GLN A 243 -6.76 -4.75 1.51
CA GLN A 243 -7.96 -4.41 2.24
C GLN A 243 -7.88 -3.00 2.83
N PRO A 244 -6.78 -2.60 3.48
CA PRO A 244 -6.69 -1.20 3.93
C PRO A 244 -6.68 -0.21 2.79
N VAL A 245 -6.10 -0.56 1.64
CA VAL A 245 -6.05 0.37 0.51
C VAL A 245 -7.46 0.72 0.04
N VAL A 246 -8.38 -0.25 0.09
CA VAL A 246 -9.77 0.03 -0.22
C VAL A 246 -10.35 1.02 0.78
N THR A 247 -9.96 0.91 2.05
CA THR A 247 -10.45 1.82 3.08
C THR A 247 -9.66 3.12 3.08
N LEU A 248 -8.34 3.05 2.90
CA LEU A 248 -7.50 4.24 3.00
C LEU A 248 -7.64 5.14 1.78
N ILE A 249 -7.91 4.58 0.61
CA ILE A 249 -7.91 5.33 -0.64
C ILE A 249 -9.28 5.30 -1.31
N GLY A 250 -9.88 4.12 -1.46
CA GLY A 250 -11.16 4.02 -2.13
C GLY A 250 -12.28 4.71 -1.38
N LEU A 251 -12.33 4.51 -0.05
CA LEU A 251 -13.37 5.14 0.76
C LEU A 251 -13.23 6.65 0.78
N GLY A 252 -12.00 7.16 0.69
CA GLY A 252 -11.76 8.59 0.70
C GLY A 252 -12.19 9.31 -0.55
N ILE A 253 -11.70 8.88 -1.72
CA ILE A 253 -12.02 9.57 -2.96
C ILE A 253 -13.44 9.25 -3.46
N ALA A 254 -14.04 8.16 -2.99
CA ALA A 254 -15.43 7.88 -3.33
C ALA A 254 -16.34 8.93 -2.71
N ILE A 255 -16.06 9.32 -1.47
CA ILE A 255 -16.81 10.41 -0.84
C ILE A 255 -16.50 11.73 -1.52
N ASP A 256 -15.26 11.90 -1.98
CA ASP A 256 -14.92 13.07 -2.79
C ASP A 256 -15.74 13.09 -4.07
N TYR A 257 -15.84 11.95 -4.75
CA TYR A 257 -16.62 11.90 -5.99
C TYR A 257 -18.10 12.20 -5.72
N GLY A 258 -18.66 11.62 -4.65
CA GLY A 258 -20.02 11.91 -4.27
C GLY A 258 -20.22 13.31 -3.73
N LEU A 259 -19.14 14.04 -3.49
CA LEU A 259 -19.24 15.40 -2.97
C LEU A 259 -19.52 16.40 -4.09
N PHE A 260 -18.80 16.28 -5.21
CA PHE A 260 -19.01 17.17 -6.34
C PHE A 260 -20.36 16.95 -7.01
N ILE A 261 -20.95 15.76 -6.86
CA ILE A 261 -22.26 15.50 -7.46
C ILE A 261 -23.36 16.19 -6.66
N VAL A 262 -23.29 16.08 -5.33
CA VAL A 262 -24.34 16.67 -4.49
C VAL A 262 -24.22 18.20 -4.45
N SER A 263 -22.98 18.70 -4.44
CA SER A 263 -22.79 20.15 -4.42
C SER A 263 -23.28 20.79 -5.71
N ARG A 264 -22.90 20.22 -6.86
CA ARG A 264 -23.36 20.76 -8.13
C ARG A 264 -24.87 20.65 -8.26
N PHE A 265 -25.48 19.65 -7.63
CA PHE A 265 -26.92 19.51 -7.67
C PHE A 265 -27.61 20.61 -6.88
N ARG A 266 -27.12 20.89 -5.67
CA ARG A 266 -27.66 22.00 -4.90
C ARG A 266 -27.41 23.34 -5.59
N GLU A 267 -26.29 23.47 -6.31
CA GLU A 267 -26.00 24.71 -7.02
C GLU A 267 -27.02 24.96 -8.11
N GLU A 268 -27.41 23.92 -8.86
CA GLU A 268 -28.40 24.08 -9.90
C GLU A 268 -29.79 24.33 -9.34
N ILE A 269 -30.06 23.80 -8.13
CA ILE A 269 -31.35 24.06 -7.48
C ILE A 269 -31.48 25.52 -7.09
N ALA A 270 -30.41 26.09 -6.52
CA ALA A 270 -30.44 27.50 -6.12
C ALA A 270 -30.56 28.42 -7.34
N GLU A 271 -30.02 28.01 -8.49
CA GLU A 271 -30.16 28.82 -9.70
C GLU A 271 -31.58 28.79 -10.24
N GLY A 272 -32.40 27.85 -9.79
CA GLY A 272 -33.79 27.78 -10.16
C GLY A 272 -34.17 26.67 -11.13
N TYR A 273 -33.34 25.64 -11.30
CA TYR A 273 -33.66 24.55 -12.20
C TYR A 273 -34.45 23.47 -11.47
N ASP A 274 -35.30 22.77 -12.24
CA ASP A 274 -36.06 21.68 -11.66
C ASP A 274 -35.18 20.45 -11.47
N THR A 275 -35.75 19.43 -10.83
CA THR A 275 -34.95 18.29 -10.38
C THR A 275 -34.30 17.55 -11.55
N GLU A 276 -35.06 17.29 -12.62
CA GLU A 276 -34.49 16.57 -13.75
C GLU A 276 -33.39 17.37 -14.43
N ALA A 277 -33.64 18.66 -14.68
CA ALA A 277 -32.62 19.47 -15.34
C ALA A 277 -31.38 19.63 -14.48
N ALA A 278 -31.53 19.60 -13.15
CA ALA A 278 -30.38 19.73 -12.27
C ALA A 278 -29.48 18.50 -12.35
N VAL A 279 -30.06 17.30 -12.27
CA VAL A 279 -29.24 16.10 -12.28
C VAL A 279 -28.54 15.91 -13.63
N ARG A 280 -29.11 16.45 -14.71
CA ARG A 280 -28.46 16.32 -16.00
C ARG A 280 -27.28 17.26 -16.12
N ARG A 281 -27.39 18.46 -15.55
CA ARG A 281 -26.28 19.41 -15.62
C ARG A 281 -25.14 19.01 -14.71
N THR A 282 -25.42 18.30 -13.61
CA THR A 282 -24.35 17.78 -12.77
C THR A 282 -23.61 16.64 -13.45
N VAL A 283 -24.35 15.76 -14.14
CA VAL A 283 -23.71 14.66 -14.86
C VAL A 283 -22.88 15.20 -16.02
N MET A 284 -23.38 16.25 -16.70
CA MET A 284 -22.59 16.88 -17.75
C MET A 284 -21.36 17.59 -17.22
N THR A 285 -21.35 17.96 -15.94
CA THR A 285 -20.22 18.68 -15.34
C THR A 285 -19.53 17.83 -14.28
N SER A 286 -20.15 17.64 -13.11
CA SER A 286 -19.49 16.91 -12.03
C SER A 286 -19.41 15.42 -12.36
N GLY A 287 -20.50 14.84 -12.84
CA GLY A 287 -20.47 13.44 -13.24
C GLY A 287 -19.42 13.18 -14.31
N ARG A 288 -19.29 14.12 -15.25
CA ARG A 288 -18.21 14.03 -16.24
C ARG A 288 -16.85 14.19 -15.57
N THR A 289 -16.75 15.11 -14.61
CA THR A 289 -15.49 15.32 -13.91
C THR A 289 -15.10 14.10 -13.10
N VAL A 290 -16.09 13.44 -12.47
CA VAL A 290 -15.80 12.30 -11.61
C VAL A 290 -15.37 11.10 -12.45
N VAL A 291 -16.03 10.85 -13.58
CA VAL A 291 -15.67 9.73 -14.43
C VAL A 291 -14.24 9.91 -14.95
N PHE A 292 -13.91 11.12 -15.42
CA PHE A 292 -12.55 11.40 -15.83
C PHE A 292 -11.58 11.23 -14.67
N SER A 293 -11.94 11.71 -13.49
CA SER A 293 -11.06 11.59 -12.33
C SER A 293 -10.84 10.14 -11.94
N ALA A 294 -11.85 9.28 -12.12
CA ALA A 294 -11.69 7.88 -11.79
C ALA A 294 -10.84 7.15 -12.82
N VAL A 295 -11.07 7.42 -14.11
CA VAL A 295 -10.28 6.78 -15.17
C VAL A 295 -8.81 7.22 -15.08
N ILE A 296 -8.56 8.42 -14.57
CA ILE A 296 -7.19 8.91 -14.43
C ILE A 296 -6.45 8.11 -13.37
N ILE A 297 -7.10 7.85 -12.24
CA ILE A 297 -6.48 7.04 -11.19
C ILE A 297 -6.24 5.62 -11.69
N VAL A 298 -7.17 5.09 -12.50
CA VAL A 298 -6.94 3.79 -13.13
C VAL A 298 -5.70 3.85 -14.02
N ALA A 299 -5.60 4.90 -14.85
CA ALA A 299 -4.41 5.10 -15.67
C ALA A 299 -3.16 5.26 -14.82
N SER A 300 -3.31 5.67 -13.56
CA SER A 300 -2.18 5.79 -12.65
C SER A 300 -1.80 4.48 -11.99
N SER A 301 -2.65 3.45 -12.07
CA SER A 301 -2.45 2.21 -11.35
C SER A 301 -2.10 1.02 -12.24
N VAL A 302 -2.55 1.01 -13.49
CA VAL A 302 -2.29 -0.11 -14.39
C VAL A 302 -0.81 -0.28 -14.75
N PRO A 303 0.02 0.77 -14.82
CA PRO A 303 1.45 0.53 -15.11
C PRO A 303 2.15 -0.28 -14.04
N LEU A 304 1.60 -0.34 -12.82
CA LEU A 304 2.17 -1.19 -11.78
C LEU A 304 2.11 -2.67 -12.16
N LEU A 305 1.24 -3.04 -13.10
CA LEU A 305 1.20 -4.41 -13.60
C LEU A 305 2.43 -4.76 -14.43
N LEU A 306 3.21 -3.77 -14.84
CA LEU A 306 4.52 -4.07 -15.43
C LEU A 306 5.45 -4.69 -14.39
N PHE A 307 5.29 -4.34 -13.12
CA PHE A 307 6.09 -4.87 -12.03
C PHE A 307 5.65 -6.29 -11.68
N PRO A 308 6.60 -7.21 -11.46
CA PRO A 308 6.24 -8.61 -11.20
C PRO A 308 5.88 -8.92 -9.76
N GLN A 309 5.93 -7.95 -8.85
CA GLN A 309 5.55 -8.21 -7.46
C GLN A 309 4.05 -8.42 -7.37
N GLY A 310 3.65 -9.60 -6.88
CA GLY A 310 2.22 -9.87 -6.71
C GLY A 310 1.57 -9.00 -5.67
N PHE A 311 2.36 -8.53 -4.68
CA PHE A 311 1.86 -7.56 -3.71
C PHE A 311 1.30 -6.33 -4.42
N LEU A 312 1.99 -5.85 -5.45
CA LEU A 312 1.51 -4.69 -6.19
C LEU A 312 0.29 -5.04 -7.03
N LYS A 313 0.34 -6.16 -7.75
CA LYS A 313 -0.74 -6.52 -8.66
C LYS A 313 -2.08 -6.59 -7.94
N SER A 314 -2.10 -7.21 -6.76
CA SER A 314 -3.34 -7.32 -6.00
C SER A 314 -3.86 -5.94 -5.57
N ILE A 315 -2.96 -4.99 -5.34
CA ILE A 315 -3.37 -3.67 -4.86
C ILE A 315 -3.95 -2.84 -5.99
N THR A 316 -3.36 -2.91 -7.19
CA THR A 316 -3.90 -2.18 -8.33
C THR A 316 -5.34 -2.61 -8.63
N TYR A 317 -5.62 -3.92 -8.52
CA TYR A 317 -6.98 -4.39 -8.75
C TYR A 317 -7.95 -3.79 -7.73
N ALA A 318 -7.48 -3.59 -6.49
CA ALA A 318 -8.34 -3.00 -5.47
C ALA A 318 -8.54 -1.52 -5.69
N ILE A 319 -7.53 -0.82 -6.22
CA ILE A 319 -7.68 0.59 -6.53
C ILE A 319 -8.58 0.77 -7.75
N ILE A 320 -8.41 -0.09 -8.77
CA ILE A 320 -9.24 0.00 -9.96
C ILE A 320 -10.71 -0.26 -9.62
N ALA A 321 -10.97 -1.32 -8.86
CA ALA A 321 -12.34 -1.68 -8.53
C ALA A 321 -13.00 -0.69 -7.59
N SER A 322 -12.22 0.05 -6.79
CA SER A 322 -12.81 0.98 -5.84
C SER A 322 -13.12 2.33 -6.48
N VAL A 323 -12.21 2.85 -7.30
CA VAL A 323 -12.43 4.18 -7.88
C VAL A 323 -13.45 4.11 -9.02
N MET A 324 -13.51 3.00 -9.75
CA MET A 324 -14.47 2.91 -10.85
C MET A 324 -15.88 2.66 -10.33
N LEU A 325 -16.03 1.79 -9.33
CA LEU A 325 -17.33 1.61 -8.69
C LEU A 325 -17.78 2.91 -8.02
N ALA A 326 -16.84 3.70 -7.51
CA ALA A 326 -17.18 4.99 -6.92
C ALA A 326 -17.78 5.92 -7.96
N ALA A 327 -17.12 6.05 -9.12
CA ALA A 327 -17.64 6.91 -10.18
C ALA A 327 -18.97 6.38 -10.71
N ILE A 328 -19.10 5.05 -10.83
CA ILE A 328 -20.35 4.47 -11.31
C ILE A 328 -21.48 4.77 -10.34
N LEU A 329 -21.24 4.59 -9.04
CA LEU A 329 -22.25 4.92 -8.05
C LEU A 329 -22.58 6.41 -8.03
N SER A 330 -21.60 7.25 -8.36
CA SER A 330 -21.82 8.70 -8.34
C SER A 330 -22.84 9.11 -9.39
N ILE A 331 -22.80 8.49 -10.57
CA ILE A 331 -23.67 8.87 -11.67
C ILE A 331 -24.82 7.87 -11.85
N THR A 332 -25.01 6.95 -10.90
CA THR A 332 -26.15 6.03 -10.95
C THR A 332 -26.96 6.12 -9.66
N VAL A 333 -26.48 5.48 -8.60
CA VAL A 333 -27.20 5.49 -7.31
C VAL A 333 -27.36 6.92 -6.80
N LEU A 334 -26.24 7.65 -6.71
CA LEU A 334 -26.30 9.00 -6.14
C LEU A 334 -27.07 9.94 -7.06
N ALA A 335 -26.80 9.89 -8.35
CA ALA A 335 -27.49 10.78 -9.29
C ALA A 335 -28.99 10.53 -9.27
N ALA A 336 -29.40 9.27 -9.13
CA ALA A 336 -30.83 8.96 -9.07
C ALA A 336 -31.41 9.30 -7.70
N ALA A 337 -30.62 9.11 -6.62
CA ALA A 337 -31.08 9.54 -5.31
C ALA A 337 -31.37 11.03 -5.28
N LEU A 338 -30.51 11.83 -5.93
CA LEU A 338 -30.78 13.25 -6.06
C LEU A 338 -32.00 13.51 -6.94
N ALA A 339 -32.31 12.60 -7.85
CA ALA A 339 -33.49 12.77 -8.71
C ALA A 339 -34.77 12.43 -7.97
N ILE A 340 -34.75 11.39 -7.12
CA ILE A 340 -35.93 11.04 -6.34
C ILE A 340 -36.16 12.05 -5.24
N LEU A 341 -35.11 12.33 -4.46
CA LEU A 341 -35.23 13.30 -3.37
C LEU A 341 -35.52 14.70 -3.91
N GLY A 342 -34.60 15.23 -4.70
CA GLY A 342 -34.74 16.57 -5.23
C GLY A 342 -34.27 17.60 -4.22
N PRO A 343 -34.97 18.73 -4.14
CA PRO A 343 -34.56 19.79 -3.21
C PRO A 343 -34.86 19.50 -1.74
N ARG A 344 -35.58 18.40 -1.42
CA ARG A 344 -35.67 17.99 -0.01
C ARG A 344 -34.42 17.23 0.45
N VAL A 345 -33.32 17.38 -0.30
CA VAL A 345 -31.99 17.06 0.20
C VAL A 345 -31.49 18.11 1.18
N ASP A 346 -32.21 19.22 1.31
CA ASP A 346 -31.88 20.30 2.24
C ASP A 346 -32.98 20.48 3.29
N ALA A 347 -33.66 19.39 3.64
CA ALA A 347 -34.90 19.50 4.41
C ALA A 347 -34.68 19.40 5.92
N LEU A 348 -33.99 18.35 6.37
CA LEU A 348 -33.99 18.00 7.79
C LEU A 348 -33.25 19.02 8.64
N GLY A 349 -31.93 19.08 8.54
CA GLY A 349 -31.15 20.01 9.32
C GLY A 349 -30.46 19.36 10.51
N VAL A 350 -29.69 20.18 11.23
CA VAL A 350 -28.88 19.67 12.33
C VAL A 350 -29.74 19.28 13.53
N THR A 351 -30.90 19.91 13.70
CA THR A 351 -31.74 19.63 14.86
C THR A 351 -32.22 18.19 14.85
N THR A 352 -32.38 17.61 13.66
CA THR A 352 -32.87 16.24 13.53
C THR A 352 -31.85 15.24 14.08
N ARG A 382 -22.86 32.85 5.40
CA ARG A 382 -21.40 32.93 5.44
C ARG A 382 -20.76 32.08 4.36
N GLU A 383 -21.59 31.35 3.61
CA GLU A 383 -21.07 30.55 2.50
C GLU A 383 -20.57 31.44 1.37
N GLU A 384 -21.12 32.65 1.23
CA GLU A 384 -20.72 33.58 0.18
C GLU A 384 -19.53 34.45 0.57
N VAL A 385 -19.14 34.48 1.85
CA VAL A 385 -18.03 35.33 2.25
C VAL A 385 -16.69 34.64 2.06
N GLU A 386 -16.65 33.31 2.12
CA GLU A 386 -15.41 32.60 1.83
C GLU A 386 -15.17 32.53 0.32
N ARG A 387 -16.25 32.38 -0.46
CA ARG A 387 -16.12 32.38 -1.91
C ARG A 387 -15.57 33.72 -2.42
N GLY A 388 -15.79 34.80 -1.66
CA GLY A 388 -15.17 36.07 -1.99
C GLY A 388 -13.72 36.14 -1.57
N PHE A 389 -13.36 35.50 -0.46
CA PHE A 389 -11.97 35.43 -0.05
C PHE A 389 -11.12 34.69 -1.07
N TRP A 390 -11.69 33.67 -1.72
CA TRP A 390 -10.96 32.98 -2.78
C TRP A 390 -10.71 33.91 -3.97
N GLY A 391 -11.72 34.69 -4.34
CA GLY A 391 -11.53 35.64 -5.43
C GLY A 391 -10.49 36.70 -5.11
N ARG A 392 -10.44 37.16 -3.86
CA ARG A 392 -9.47 38.19 -3.48
C ARG A 392 -8.05 37.65 -3.50
N LEU A 393 -7.86 36.41 -3.04
CA LEU A 393 -6.51 35.84 -3.00
C LEU A 393 -5.96 35.60 -4.39
N VAL A 394 -6.80 35.11 -5.31
CA VAL A 394 -6.34 34.82 -6.66
C VAL A 394 -5.98 36.10 -7.40
N ASN A 395 -6.72 37.18 -7.15
CA ASN A 395 -6.39 38.46 -7.76
C ASN A 395 -5.06 38.99 -7.24
N VAL A 396 -4.71 38.69 -5.99
CA VAL A 396 -3.39 39.05 -5.49
C VAL A 396 -2.31 38.20 -6.14
N VAL A 397 -2.58 36.90 -6.30
CA VAL A 397 -1.62 36.01 -6.94
C VAL A 397 -1.41 36.42 -8.40
N MET A 398 -2.51 36.58 -9.15
CA MET A 398 -2.39 36.95 -10.55
C MET A 398 -1.82 38.36 -10.75
N LYS A 399 -1.82 39.19 -9.70
CA LYS A 399 -1.30 40.55 -9.83
C LYS A 399 0.22 40.55 -9.78
N ARG A 400 0.80 39.77 -8.88
CA ARG A 400 2.25 39.62 -8.76
C ARG A 400 2.58 38.13 -8.76
N PRO A 401 2.43 37.47 -9.90
CA PRO A 401 2.52 35.99 -9.90
C PRO A 401 3.93 35.45 -9.74
N ILE A 402 4.92 36.10 -10.36
CA ILE A 402 6.29 35.62 -10.23
C ILE A 402 6.75 35.67 -8.78
N ALA A 403 6.17 36.58 -7.99
CA ALA A 403 6.51 36.64 -6.57
C ALA A 403 5.97 35.44 -5.79
N PHE A 404 5.04 34.69 -6.36
CA PHE A 404 4.52 33.47 -5.75
C PHE A 404 5.04 32.19 -6.41
N ALA A 405 5.16 32.18 -7.73
CA ALA A 405 5.61 30.98 -8.43
C ALA A 405 7.07 30.68 -8.14
N ALA A 406 7.94 31.69 -8.28
CA ALA A 406 9.37 31.46 -8.14
C ALA A 406 9.77 30.94 -6.76
N PRO A 407 9.37 31.56 -5.64
CA PRO A 407 9.80 31.02 -4.34
C PRO A 407 9.22 29.65 -4.04
N ILE A 408 8.01 29.35 -4.53
CA ILE A 408 7.36 28.08 -4.23
C ILE A 408 8.07 26.93 -4.96
N LEU A 409 8.35 27.13 -6.26
CA LEU A 409 8.91 26.03 -7.03
C LEU A 409 10.38 25.77 -6.71
N VAL A 410 11.11 26.76 -6.20
CA VAL A 410 12.49 26.51 -5.80
C VAL A 410 12.54 25.83 -4.43
N VAL A 411 11.57 26.11 -3.57
CA VAL A 411 11.51 25.41 -2.29
C VAL A 411 11.17 23.94 -2.50
N MET A 412 10.27 23.65 -3.45
CA MET A 412 9.90 22.27 -3.73
C MET A 412 11.06 21.49 -4.33
N VAL A 413 11.91 22.14 -5.12
CA VAL A 413 13.07 21.46 -5.69
C VAL A 413 14.05 21.09 -4.59
N LEU A 414 14.26 21.99 -3.62
CA LEU A 414 15.14 21.68 -2.50
C LEU A 414 14.58 20.56 -1.64
N LEU A 415 13.25 20.37 -1.65
CA LEU A 415 12.64 19.26 -0.92
C LEU A 415 12.83 17.92 -1.62
N ILE A 416 13.28 17.92 -2.88
CA ILE A 416 13.57 16.67 -3.56
C ILE A 416 14.99 16.18 -3.25
N ILE A 417 15.84 17.07 -2.73
CA ILE A 417 17.23 16.69 -2.46
C ILE A 417 17.34 15.49 -1.53
N PRO A 418 16.60 15.38 -0.43
CA PRO A 418 16.77 14.22 0.46
C PRO A 418 16.52 12.87 -0.20
N LEU A 419 15.89 12.84 -1.38
CA LEU A 419 15.65 11.58 -2.06
C LEU A 419 16.94 10.88 -2.49
N GLY A 420 18.05 11.62 -2.57
CA GLY A 420 19.31 11.01 -2.94
C GLY A 420 19.84 10.00 -1.94
N GLN A 421 19.34 10.05 -0.70
CA GLN A 421 19.70 9.08 0.35
C GLN A 421 18.72 7.92 0.41
N LEU A 422 18.31 7.39 -0.75
CA LEU A 422 17.32 6.33 -0.78
C LEU A 422 17.96 4.97 -0.55
N SER A 423 17.46 4.24 0.44
CA SER A 423 17.90 2.89 0.74
C SER A 423 16.69 1.97 0.76
N LEU A 424 16.92 0.70 0.38
CA LEU A 424 15.84 -0.26 0.21
C LEU A 424 16.18 -1.56 0.93
N GLY A 425 15.20 -2.11 1.63
CA GLY A 425 15.40 -3.32 2.41
C GLY A 425 14.24 -4.29 2.38
N GLY A 426 14.08 -5.07 3.45
CA GLY A 426 13.04 -6.07 3.51
C GLY A 426 12.35 -6.08 4.86
N ILE A 427 11.38 -6.99 4.98
CA ILE A 427 10.56 -7.06 6.20
C ILE A 427 11.40 -7.63 7.34
N SER A 428 11.21 -7.04 8.53
CA SER A 428 11.84 -7.54 9.74
C SER A 428 10.96 -7.11 10.92
N GLU A 429 11.37 -7.50 12.12
CA GLU A 429 10.62 -7.12 13.31
C GLU A 429 10.69 -5.62 13.57
N LYS A 430 11.53 -4.89 12.84
CA LYS A 430 11.61 -3.44 12.98
C LYS A 430 10.42 -2.71 12.37
N TYR A 431 9.63 -3.37 11.53
CA TYR A 431 8.44 -2.77 10.97
C TYR A 431 7.39 -2.45 12.03
N LEU A 432 7.55 -2.95 13.24
CA LEU A 432 6.73 -2.66 14.40
C LEU A 432 7.39 -1.62 15.29
N PRO A 433 6.62 -0.92 16.13
CA PRO A 433 7.23 0.05 17.02
C PRO A 433 8.16 -0.63 18.00
N PRO A 434 9.18 0.08 18.48
CA PRO A 434 10.17 -0.56 19.37
C PRO A 434 9.60 -1.03 20.70
N ASP A 435 8.42 -0.58 21.09
CA ASP A 435 7.78 -1.03 22.32
C ASP A 435 6.81 -2.18 22.10
N ASN A 436 6.82 -2.79 20.92
CA ASN A 436 5.96 -3.92 20.63
C ASN A 436 6.52 -5.18 21.28
N ALA A 437 5.66 -5.89 22.02
CA ALA A 437 6.12 -7.04 22.80
C ALA A 437 6.65 -8.15 21.89
N VAL A 438 5.98 -8.40 20.76
CA VAL A 438 6.43 -9.44 19.85
C VAL A 438 7.79 -9.10 19.26
N ARG A 439 8.00 -7.82 18.92
CA ARG A 439 9.30 -7.40 18.42
C ARG A 439 10.38 -7.55 19.49
N GLN A 440 10.07 -7.17 20.73
CA GLN A 440 11.05 -7.29 21.81
C GLN A 440 11.37 -8.74 22.13
N SER A 441 10.39 -9.64 22.03
CA SER A 441 10.66 -11.06 22.27
C SER A 441 11.63 -11.61 21.24
N GLN A 442 11.57 -11.11 20.00
CA GLN A 442 12.52 -11.56 18.98
C GLN A 442 13.91 -10.97 19.25
N GLU A 443 13.97 -9.68 19.59
CA GLU A 443 15.25 -9.06 19.90
C GLU A 443 15.88 -9.67 21.14
N GLN A 444 15.08 -10.08 22.12
CA GLN A 444 15.61 -10.76 23.29
C GLN A 444 16.22 -12.10 22.91
N PHE A 445 15.59 -12.80 21.96
CA PHE A 445 16.13 -14.08 21.50
C PHE A 445 17.48 -13.89 20.81
N ASP A 446 17.60 -12.85 19.99
CA ASP A 446 18.81 -12.64 19.20
C ASP A 446 20.01 -12.20 20.03
N LYS A 447 19.81 -11.82 21.29
CA LYS A 447 20.93 -11.50 22.17
C LYS A 447 21.24 -12.60 23.17
N LEU A 448 20.23 -13.38 23.57
CA LEU A 448 20.48 -14.51 24.47
C LEU A 448 21.06 -15.70 23.72
N PHE A 449 20.66 -15.89 22.47
CA PHE A 449 21.08 -17.04 21.66
C PHE A 449 21.59 -16.55 20.31
N PRO A 450 22.75 -15.87 20.28
CA PRO A 450 23.29 -15.40 19.00
C PRO A 450 23.81 -16.57 18.17
N GLY A 451 23.60 -16.49 16.86
CA GLY A 451 24.02 -17.51 15.93
C GLY A 451 22.89 -18.28 15.30
N PHE A 452 21.73 -18.37 15.97
CA PHE A 452 20.61 -19.12 15.43
C PHE A 452 19.90 -18.35 14.32
N ARG A 453 19.79 -17.03 14.46
CA ARG A 453 19.15 -16.19 13.45
C ARG A 453 20.16 -15.85 12.37
N THR A 454 19.88 -16.26 11.13
CA THR A 454 20.78 -16.01 10.02
C THR A 454 19.99 -15.70 8.77
N GLU A 455 20.56 -14.83 7.93
CA GLU A 455 20.04 -14.52 6.59
C GLU A 455 21.13 -14.85 5.58
N PRO A 456 21.26 -16.10 5.19
CA PRO A 456 22.36 -16.51 4.31
C PRO A 456 22.03 -16.37 2.84
N LEU A 457 23.08 -16.13 2.06
CA LEU A 457 23.03 -16.24 0.61
C LEU A 457 23.34 -17.68 0.23
N THR A 458 22.48 -18.28 -0.59
CA THR A 458 22.59 -19.69 -0.94
C THR A 458 23.21 -19.86 -2.33
N LEU A 459 24.04 -20.89 -2.46
CA LEU A 459 24.64 -21.27 -3.73
C LEU A 459 24.03 -22.61 -4.15
N VAL A 460 22.92 -22.54 -4.88
CA VAL A 460 22.16 -23.73 -5.28
C VAL A 460 22.82 -24.32 -6.52
N MET A 461 23.57 -25.41 -6.34
CA MET A 461 24.25 -26.08 -7.43
C MET A 461 23.35 -27.18 -7.99
N LYS A 462 23.21 -27.22 -9.32
CA LYS A 462 22.37 -28.21 -9.97
C LYS A 462 23.04 -28.70 -11.24
N ARG A 463 23.16 -30.02 -11.37
CA ARG A 463 23.73 -30.65 -12.55
C ARG A 463 22.61 -31.05 -13.51
N GLU A 464 22.83 -30.77 -14.80
CA GLU A 464 21.87 -31.18 -15.82
C GLU A 464 22.05 -32.63 -16.23
N ASP A 465 23.17 -33.26 -15.85
CA ASP A 465 23.33 -34.69 -16.08
C ASP A 465 22.37 -35.53 -15.26
N GLY A 466 21.82 -34.97 -14.17
CA GLY A 466 21.13 -35.76 -13.18
C GLY A 466 22.03 -36.57 -12.28
N GLU A 467 23.33 -36.64 -12.59
CA GLU A 467 24.27 -37.41 -11.80
C GLU A 467 24.58 -36.70 -10.49
N PRO A 468 25.04 -37.44 -9.47
CA PRO A 468 25.36 -36.81 -8.18
C PRO A 468 26.45 -35.76 -8.32
N ILE A 469 26.38 -34.75 -7.44
CA ILE A 469 27.43 -33.74 -7.35
C ILE A 469 28.53 -34.30 -6.45
N THR A 470 29.75 -34.36 -6.98
CA THR A 470 30.86 -34.90 -6.22
C THR A 470 31.22 -33.97 -5.06
N ASP A 471 31.89 -34.53 -4.05
CA ASP A 471 32.37 -33.72 -2.94
C ASP A 471 33.40 -32.71 -3.42
N ALA A 472 34.14 -33.02 -4.49
CA ALA A 472 35.12 -32.07 -5.02
C ALA A 472 34.42 -30.90 -5.70
N GLN A 473 33.32 -31.16 -6.40
CA GLN A 473 32.55 -30.07 -7.00
C GLN A 473 32.03 -29.11 -5.95
N ILE A 474 31.72 -29.62 -4.75
CA ILE A 474 31.26 -28.76 -3.67
C ILE A 474 32.42 -27.96 -3.11
N ALA A 475 33.55 -28.62 -2.85
CA ALA A 475 34.72 -27.93 -2.31
C ALA A 475 35.35 -26.98 -3.33
N ASP A 476 35.05 -27.16 -4.63
CA ASP A 476 35.54 -26.23 -5.63
C ASP A 476 34.68 -24.97 -5.69
N MET A 477 33.35 -25.14 -5.72
CA MET A 477 32.46 -23.99 -5.63
C MET A 477 32.63 -23.26 -4.30
N ARG A 478 32.93 -24.00 -3.24
CA ARG A 478 33.14 -23.37 -1.93
C ARG A 478 34.43 -22.57 -1.90
N ALA A 479 35.47 -23.03 -2.60
CA ALA A 479 36.72 -22.30 -2.63
C ALA A 479 36.59 -20.97 -3.36
N LYS A 480 35.71 -20.90 -4.36
CA LYS A 480 35.49 -19.63 -5.07
C LYS A 480 34.67 -18.66 -4.23
N ALA A 481 33.80 -19.18 -3.36
CA ALA A 481 33.02 -18.31 -2.50
C ALA A 481 33.86 -17.68 -1.39
N LEU A 482 35.01 -18.26 -1.07
CA LEU A 482 35.91 -17.68 -0.08
C LEU A 482 36.78 -16.56 -0.65
N THR A 483 36.85 -16.44 -1.97
CA THR A 483 37.51 -15.29 -2.60
C THR A 483 36.68 -14.02 -2.50
N VAL A 484 35.47 -14.10 -1.98
CA VAL A 484 34.57 -12.96 -1.82
C VAL A 484 34.52 -12.63 -0.33
N SER A 485 35.03 -11.46 0.03
CA SER A 485 35.04 -11.04 1.42
C SER A 485 33.64 -10.64 1.86
N GLY A 486 33.50 -10.33 3.15
CA GLY A 486 32.24 -9.84 3.66
C GLY A 486 31.23 -10.90 4.05
N PHE A 487 31.67 -12.14 4.24
CA PHE A 487 30.78 -13.21 4.64
C PHE A 487 31.10 -13.64 6.08
N THR A 488 30.04 -14.02 6.80
CA THR A 488 30.14 -14.28 8.22
C THR A 488 31.06 -15.47 8.48
N ASP A 489 31.78 -15.41 9.61
CA ASP A 489 32.68 -16.49 10.02
C ASP A 489 32.71 -16.52 11.54
N PRO A 490 31.66 -17.06 12.17
CA PRO A 490 31.62 -17.07 13.65
C PRO A 490 32.60 -18.05 14.27
N ASP A 491 33.04 -19.07 13.54
CA ASP A 491 33.97 -20.04 14.10
C ASP A 491 35.42 -19.60 14.00
N ASN A 492 35.72 -18.59 13.19
CA ASN A 492 37.08 -18.16 12.89
C ASN A 492 37.86 -19.29 12.22
N ASP A 493 37.33 -19.74 11.08
CA ASP A 493 37.91 -20.82 10.28
C ASP A 493 37.25 -20.83 8.91
N PRO A 494 38.03 -20.66 7.84
CA PRO A 494 37.42 -20.70 6.49
C PRO A 494 36.94 -22.08 6.08
N GLU A 495 37.38 -23.15 6.75
CA GLU A 495 36.92 -24.48 6.41
C GLU A 495 35.47 -24.70 6.80
N LYS A 496 35.00 -23.99 7.83
CA LYS A 496 33.64 -24.13 8.32
C LYS A 496 32.65 -23.19 7.64
N MET A 497 33.10 -22.44 6.64
CA MET A 497 32.23 -21.49 5.94
C MET A 497 31.58 -22.15 4.73
N TRP A 498 30.43 -21.61 4.35
CA TRP A 498 29.64 -22.13 3.23
C TRP A 498 29.29 -23.61 3.44
N LYS A 499 28.69 -23.89 4.60
CA LYS A 499 28.22 -25.23 4.90
C LYS A 499 27.05 -25.61 3.98
N GLU A 500 26.79 -26.90 3.89
CA GLU A 500 25.62 -27.38 3.19
C GLU A 500 24.36 -27.07 4.01
N ARG A 501 23.26 -26.79 3.30
CA ARG A 501 22.00 -26.56 3.99
C ARG A 501 21.50 -27.86 4.61
N PRO A 502 20.94 -27.80 5.82
CA PRO A 502 20.41 -29.02 6.45
C PRO A 502 19.30 -29.63 5.61
N ALA A 503 19.24 -30.96 5.59
CA ALA A 503 18.25 -31.69 4.83
C ALA A 503 17.11 -32.08 5.77
N ASN A 504 15.95 -31.43 5.59
CA ASN A 504 14.75 -31.84 6.29
C ASN A 504 14.25 -33.16 5.73
N ASP A 505 13.37 -33.81 6.49
CA ASP A 505 12.88 -35.13 6.11
C ASP A 505 11.72 -35.06 5.12
N SER A 506 11.40 -33.88 4.59
CA SER A 506 10.34 -33.74 3.60
C SER A 506 10.87 -33.38 2.22
N GLY A 507 12.18 -33.46 2.01
CA GLY A 507 12.79 -33.12 0.75
C GLY A 507 13.38 -34.34 0.07
N SER A 508 13.38 -34.32 -1.25
CA SER A 508 13.93 -35.41 -2.04
C SER A 508 15.43 -35.16 -2.20
N LYS A 509 16.23 -35.91 -1.44
CA LYS A 509 17.68 -35.73 -1.44
C LYS A 509 18.25 -36.16 -2.78
N ASP A 510 18.06 -35.31 -3.79
CA ASP A 510 18.62 -35.56 -5.11
C ASP A 510 20.08 -35.11 -5.11
N PRO A 511 21.04 -36.03 -5.23
CA PRO A 511 22.45 -35.62 -5.26
C PRO A 511 22.82 -34.82 -6.51
N SER A 512 21.93 -34.70 -7.48
CA SER A 512 22.15 -33.80 -8.60
C SER A 512 22.11 -32.34 -8.18
N VAL A 513 21.48 -32.04 -7.05
CA VAL A 513 21.35 -30.69 -6.54
C VAL A 513 21.94 -30.65 -5.13
N ARG A 514 22.92 -29.77 -4.93
CA ARG A 514 23.54 -29.55 -3.63
C ARG A 514 23.70 -28.06 -3.43
N VAL A 515 23.34 -27.57 -2.24
CA VAL A 515 23.34 -26.14 -1.96
C VAL A 515 24.22 -25.86 -0.74
N ILE A 516 24.97 -24.76 -0.82
CA ILE A 516 25.79 -24.28 0.28
C ILE A 516 25.47 -22.81 0.50
N GLN A 517 25.51 -22.38 1.77
CA GLN A 517 25.01 -21.07 2.14
C GLN A 517 25.92 -20.44 3.19
N ASN A 518 25.89 -19.10 3.23
CA ASN A 518 26.66 -18.34 4.21
C ASN A 518 26.10 -16.92 4.24
N GLY A 519 26.03 -16.35 5.45
CA GLY A 519 25.50 -15.02 5.64
C GLY A 519 26.53 -13.92 5.43
N LEU A 520 26.06 -12.68 5.51
CA LEU A 520 26.88 -11.51 5.27
C LEU A 520 27.24 -10.82 6.58
N GLU A 521 28.40 -10.14 6.58
CA GLU A 521 28.77 -9.34 7.74
C GLU A 521 27.98 -8.05 7.80
N ASN A 522 27.58 -7.51 6.66
CA ASN A 522 26.75 -6.32 6.58
C ASN A 522 25.68 -6.52 5.51
N ARG A 523 24.42 -6.26 5.87
CA ARG A 523 23.34 -6.40 4.91
C ARG A 523 23.49 -5.42 3.75
N ASN A 524 24.16 -4.28 3.98
CA ASN A 524 24.33 -3.29 2.93
C ASN A 524 25.24 -3.80 1.80
N ASP A 525 26.01 -4.86 2.04
CA ASP A 525 26.83 -5.47 1.02
C ASP A 525 26.06 -6.48 0.17
N ALA A 526 24.75 -6.58 0.35
CA ALA A 526 23.97 -7.59 -0.36
C ALA A 526 24.09 -7.42 -1.87
N ALA A 527 23.72 -6.25 -2.38
CA ALA A 527 23.77 -6.02 -3.82
C ALA A 527 25.19 -6.21 -4.37
N LYS A 528 26.19 -5.82 -3.59
CA LYS A 528 27.58 -5.97 -4.05
C LYS A 528 28.01 -7.43 -4.02
N LYS A 529 27.77 -8.12 -2.89
CA LYS A 529 28.29 -9.47 -2.74
C LYS A 529 27.48 -10.48 -3.55
N ILE A 530 26.21 -10.20 -3.79
CA ILE A 530 25.39 -11.08 -4.63
C ILE A 530 25.95 -11.13 -6.04
N ASP A 531 26.36 -9.96 -6.57
CA ASP A 531 26.95 -9.93 -7.91
C ASP A 531 28.30 -10.64 -7.94
N GLU A 532 29.05 -10.60 -6.83
CA GLU A 532 30.33 -11.31 -6.78
C GLU A 532 30.14 -12.82 -6.75
N LEU A 533 29.06 -13.31 -6.13
CA LEU A 533 28.77 -14.73 -6.13
C LEU A 533 28.27 -15.20 -7.49
N ARG A 534 27.44 -14.40 -8.16
CA ARG A 534 26.96 -14.78 -9.49
C ARG A 534 28.07 -14.74 -10.53
N ALA A 535 29.12 -13.95 -10.29
CA ALA A 535 30.23 -13.86 -11.23
C ALA A 535 31.19 -15.04 -11.13
N LEU A 536 31.07 -15.84 -10.08
CA LEU A 536 31.96 -17.00 -9.95
C LEU A 536 31.63 -18.04 -11.00
N GLN A 537 32.67 -18.62 -11.59
CA GLN A 537 32.50 -19.64 -12.61
C GLN A 537 32.19 -20.99 -11.96
N PRO A 538 30.97 -21.50 -12.10
CA PRO A 538 30.58 -22.75 -11.42
C PRO A 538 31.30 -23.94 -12.03
N PRO A 539 31.38 -25.06 -11.32
CA PRO A 539 32.00 -26.27 -11.91
C PRO A 539 31.40 -26.62 -13.27
N HIS A 540 32.26 -27.19 -14.13
CA HIS A 540 32.00 -27.54 -15.53
C HIS A 540 30.57 -27.86 -15.90
N GLY A 541 29.91 -28.73 -15.14
CA GLY A 541 28.60 -29.21 -15.53
C GLY A 541 27.44 -28.58 -14.76
N ILE A 542 27.71 -28.16 -13.54
CA ILE A 542 26.65 -27.70 -12.65
C ILE A 542 26.38 -26.22 -12.87
N GLU A 543 25.13 -25.81 -12.66
CA GLU A 543 24.74 -24.40 -12.72
C GLU A 543 24.30 -23.95 -11.33
N VAL A 544 24.73 -22.76 -10.95
CA VAL A 544 24.55 -22.25 -9.59
C VAL A 544 23.49 -21.16 -9.59
N PHE A 545 22.57 -21.23 -8.64
CA PHE A 545 21.56 -20.20 -8.41
C PHE A 545 21.83 -19.53 -7.07
N VAL A 546 21.90 -18.20 -7.07
CA VAL A 546 22.17 -17.43 -5.87
C VAL A 546 20.85 -16.98 -5.27
N GLY A 547 20.54 -17.49 -4.07
CA GLY A 547 19.29 -17.17 -3.41
C GLY A 547 19.47 -16.68 -1.98
N GLY A 548 18.42 -16.82 -1.17
CA GLY A 548 18.40 -16.25 0.15
C GLY A 548 17.62 -14.94 0.20
N THR A 549 17.15 -14.59 1.39
CA THR A 549 16.35 -13.39 1.53
C THR A 549 17.07 -12.11 1.11
N PRO A 550 18.37 -11.93 1.33
CA PRO A 550 19.04 -10.77 0.72
C PRO A 550 19.00 -10.81 -0.79
N ALA A 551 19.05 -12.00 -1.40
CA ALA A 551 18.95 -12.10 -2.85
C ALA A 551 17.53 -11.88 -3.33
N LEU A 552 16.55 -12.37 -2.58
CA LEU A 552 15.15 -12.12 -2.91
C LEU A 552 14.84 -10.62 -2.87
N GLU A 553 15.37 -9.93 -1.87
CA GLU A 553 15.11 -8.50 -1.73
C GLU A 553 15.79 -7.70 -2.84
N GLN A 554 17.05 -8.02 -3.14
CA GLN A 554 17.78 -7.26 -4.15
C GLN A 554 17.29 -7.54 -5.57
N ASP A 555 16.59 -8.65 -5.78
CA ASP A 555 16.03 -8.91 -7.11
C ASP A 555 14.69 -8.22 -7.31
N SER A 556 13.90 -8.06 -6.25
CA SER A 556 12.68 -7.27 -6.34
C SER A 556 13.00 -5.79 -6.48
N ILE A 557 14.03 -5.33 -5.76
CA ILE A 557 14.52 -3.96 -5.93
C ILE A 557 14.89 -3.70 -7.39
N HIS A 558 15.69 -4.60 -7.96
CA HIS A 558 16.18 -4.41 -9.33
C HIS A 558 15.05 -4.48 -10.33
N SER A 559 14.06 -5.34 -10.10
CA SER A 559 12.95 -5.47 -11.05
C SER A 559 12.08 -4.23 -11.06
N LEU A 560 11.96 -3.54 -9.92
CA LEU A 560 11.15 -2.33 -9.87
C LEU A 560 11.82 -1.19 -10.62
N PHE A 561 13.08 -0.91 -10.30
CA PHE A 561 13.79 0.21 -10.89
C PHE A 561 14.20 -0.04 -12.34
N ASP A 562 14.01 -1.25 -12.85
CA ASP A 562 14.24 -1.51 -14.26
C ASP A 562 13.03 -1.09 -15.11
N LYS A 563 11.84 -1.40 -14.64
CA LYS A 563 10.60 -1.02 -15.32
C LYS A 563 9.97 0.23 -14.74
N LEU A 564 10.61 0.86 -13.75
CA LEU A 564 10.10 2.14 -13.25
C LEU A 564 10.09 3.24 -14.31
N PRO A 565 11.11 3.41 -15.15
CA PRO A 565 11.00 4.44 -16.20
C PRO A 565 9.88 4.16 -17.20
N LEU A 566 9.75 2.92 -17.67
CA LEU A 566 8.66 2.58 -18.57
C LEU A 566 7.31 2.78 -17.90
N MET A 567 7.23 2.48 -16.60
CA MET A 567 6.02 2.75 -15.85
C MET A 567 5.71 4.24 -15.84
N ALA A 568 6.71 5.06 -15.50
CA ALA A 568 6.50 6.51 -15.44
C ALA A 568 6.14 7.08 -16.80
N LEU A 569 6.69 6.52 -17.88
CA LEU A 569 6.35 6.99 -19.22
C LEU A 569 4.87 6.74 -19.51
N ILE A 570 4.41 5.51 -19.29
CA ILE A 570 3.00 5.20 -19.50
C ILE A 570 2.13 5.99 -18.53
N LEU A 571 2.60 6.16 -17.30
CA LEU A 571 1.83 6.87 -16.28
C LEU A 571 1.58 8.32 -16.68
N ILE A 572 2.57 8.97 -17.28
CA ILE A 572 2.45 10.40 -17.58
C ILE A 572 1.63 10.64 -18.83
N VAL A 573 1.86 9.86 -19.89
CA VAL A 573 1.17 10.13 -21.16
C VAL A 573 -0.30 9.77 -21.08
N THR A 574 -0.67 8.78 -20.26
CA THR A 574 -2.08 8.40 -20.18
C THR A 574 -2.86 9.37 -19.32
N THR A 575 -2.29 9.83 -18.20
CA THR A 575 -2.98 10.82 -17.38
C THR A 575 -3.08 12.16 -18.09
N THR A 576 -2.10 12.49 -18.93
CA THR A 576 -2.10 13.77 -19.62
C THR A 576 -3.18 13.82 -20.69
N VAL A 577 -3.32 12.75 -21.49
CA VAL A 577 -4.33 12.77 -22.56
C VAL A 577 -5.73 12.74 -21.98
N LEU A 578 -5.92 12.12 -20.81
CA LEU A 578 -7.25 12.08 -20.20
C LEU A 578 -7.69 13.47 -19.74
N MET A 579 -6.75 14.30 -19.29
CA MET A 579 -7.08 15.67 -18.91
C MET A 579 -7.31 16.55 -20.14
N PHE A 580 -6.68 16.23 -21.26
CA PHE A 580 -6.97 16.93 -22.51
C PHE A 580 -8.42 16.69 -22.96
N LEU A 581 -9.02 15.58 -22.53
CA LEU A 581 -10.43 15.30 -22.84
C LEU A 581 -11.36 15.87 -21.78
N ALA A 582 -10.99 15.76 -20.50
CA ALA A 582 -11.78 16.38 -19.44
C ALA A 582 -11.81 17.88 -19.60
N PHE A 583 -10.66 18.49 -19.83
CA PHE A 583 -10.56 19.88 -20.23
C PHE A 583 -10.61 19.93 -21.75
N GLY A 584 -10.28 21.06 -22.33
CA GLY A 584 -10.32 21.15 -23.77
C GLY A 584 -9.00 21.65 -24.31
N SER A 585 -8.02 21.72 -23.41
CA SER A 585 -6.73 22.34 -23.70
C SER A 585 -5.63 21.29 -23.77
N VAL A 586 -4.52 21.71 -24.36
CA VAL A 586 -3.33 20.89 -24.43
C VAL A 586 -2.25 21.34 -23.45
N VAL A 587 -2.16 22.64 -23.12
CA VAL A 587 -1.13 23.13 -22.21
C VAL A 587 -1.52 22.93 -20.76
N LEU A 588 -2.83 22.96 -20.45
CA LEU A 588 -3.30 22.68 -19.09
C LEU A 588 -2.92 21.28 -18.61
N PRO A 589 -3.08 20.21 -19.39
CA PRO A 589 -2.59 18.90 -18.91
C PRO A 589 -1.07 18.86 -18.71
N ILE A 590 -0.31 19.56 -19.56
CA ILE A 590 1.14 19.58 -19.39
C ILE A 590 1.53 20.41 -18.17
N LYS A 591 0.76 21.46 -17.86
CA LYS A 591 0.98 22.20 -16.63
C LYS A 591 0.81 21.29 -15.42
N ALA A 592 -0.36 20.62 -15.32
CA ALA A 592 -0.65 19.78 -14.18
C ALA A 592 0.39 18.67 -14.01
N ALA A 593 0.86 18.11 -15.12
CA ALA A 593 1.88 17.06 -15.05
C ALA A 593 3.14 17.57 -14.35
N LEU A 594 3.56 18.80 -14.67
CA LEU A 594 4.70 19.39 -14.00
C LEU A 594 4.41 19.65 -12.52
N MET A 595 3.22 20.18 -12.23
CA MET A 595 2.83 20.41 -10.84
C MET A 595 2.60 19.10 -10.09
N SER A 596 2.27 18.02 -10.79
CA SER A 596 2.15 16.71 -10.15
C SER A 596 3.50 16.06 -9.95
N ALA A 597 4.45 16.29 -10.86
CA ALA A 597 5.81 15.79 -10.67
C ALA A 597 6.52 16.51 -9.54
N LEU A 598 6.33 17.83 -9.45
CA LEU A 598 6.92 18.60 -8.35
C LEU A 598 6.34 18.16 -7.01
N THR A 599 5.02 17.97 -6.95
CA THR A 599 4.40 17.49 -5.71
C THR A 599 4.87 16.09 -5.36
N LEU A 600 5.14 15.26 -6.37
CA LEU A 600 5.60 13.90 -6.12
C LEU A 600 6.99 13.88 -5.51
N GLY A 601 7.95 14.51 -6.19
CA GLY A 601 9.33 14.49 -5.70
C GLY A 601 9.48 15.17 -4.36
N SER A 602 8.72 16.25 -4.13
CA SER A 602 8.77 16.92 -2.84
C SER A 602 8.15 16.06 -1.73
N THR A 603 7.14 15.25 -2.07
CA THR A 603 6.53 14.38 -1.08
C THR A 603 7.43 13.19 -0.74
N MET A 604 8.02 12.56 -1.76
CA MET A 604 8.89 11.42 -1.51
C MET A 604 10.22 11.83 -0.89
N GLY A 605 10.65 13.07 -1.10
CA GLY A 605 11.86 13.55 -0.45
C GLY A 605 11.67 13.79 1.04
N ILE A 606 10.48 14.28 1.42
CA ILE A 606 10.16 14.44 2.83
C ILE A 606 10.01 13.07 3.49
N LEU A 607 9.37 12.12 2.81
CA LEU A 607 9.21 10.78 3.36
C LEU A 607 10.57 10.11 3.55
N THR A 608 11.47 10.27 2.59
CA THR A 608 12.84 9.79 2.77
C THR A 608 13.52 10.51 3.92
N TRP A 609 13.14 11.75 4.17
CA TRP A 609 13.72 12.55 5.24
C TRP A 609 13.21 12.15 6.62
N MET A 610 12.07 11.45 6.69
CA MET A 610 11.46 11.10 7.98
C MET A 610 11.39 9.62 8.25
N PHE A 611 11.35 8.76 7.23
CA PHE A 611 11.32 7.32 7.45
C PHE A 611 12.66 6.64 7.19
N VAL A 612 13.59 7.30 6.51
CA VAL A 612 14.92 6.78 6.29
C VAL A 612 15.95 7.47 7.17
N ASP A 613 15.87 8.81 7.28
CA ASP A 613 16.79 9.56 8.12
C ASP A 613 16.28 9.75 9.54
N GLY A 614 15.00 9.48 9.79
CA GLY A 614 14.48 9.40 11.14
C GLY A 614 13.83 10.64 11.72
N HIS A 615 13.66 11.69 10.93
CA HIS A 615 13.10 12.93 11.45
C HIS A 615 11.59 12.79 11.68
N GLY A 616 11.21 12.44 12.90
CA GLY A 616 9.81 12.23 13.23
C GLY A 616 9.52 10.86 13.80
N SER A 617 10.58 10.13 14.17
CA SER A 617 10.48 8.77 14.67
C SER A 617 10.17 8.69 16.16
N GLY A 618 10.70 9.61 16.96
CA GLY A 618 10.43 9.59 18.39
C GLY A 618 9.00 9.99 18.73
N LEU A 619 8.37 10.80 17.87
CA LEU A 619 7.01 11.24 18.17
C LEU A 619 5.99 10.23 17.67
N MET A 620 6.14 9.79 16.42
CA MET A 620 5.19 8.85 15.81
C MET A 620 5.46 7.40 16.20
N ASN A 621 6.47 7.15 17.01
CA ASN A 621 6.78 5.80 17.50
C ASN A 621 7.08 4.81 16.36
N TYR A 622 8.23 4.93 15.72
CA TYR A 622 8.68 3.95 14.75
C TYR A 622 10.19 4.07 14.62
N THR A 623 10.80 3.12 13.90
CA THR A 623 12.24 3.17 13.74
C THR A 623 12.61 3.43 12.28
N PRO A 624 13.51 4.36 12.00
CA PRO A 624 13.93 4.58 10.60
C PRO A 624 14.72 3.41 10.07
N GLN A 625 14.48 3.07 8.80
CA GLN A 625 15.06 1.88 8.18
C GLN A 625 14.85 2.00 6.67
N PRO A 626 15.61 1.23 5.88
CA PRO A 626 15.36 1.19 4.43
C PRO A 626 13.94 0.78 4.11
N LEU A 627 13.43 1.29 2.99
CA LEU A 627 12.04 1.11 2.61
C LEU A 627 11.85 -0.13 1.74
N MET A 628 10.61 -0.63 1.72
CA MET A 628 10.27 -1.74 0.84
C MET A 628 10.16 -1.22 -0.59
N ALA A 629 11.03 -1.73 -1.46
CA ALA A 629 11.12 -1.23 -2.84
C ALA A 629 9.79 -1.24 -3.58
N PRO A 630 8.98 -2.32 -3.56
CA PRO A 630 7.68 -2.25 -4.23
C PRO A 630 6.76 -1.18 -3.68
N MET A 631 7.03 -0.66 -2.47
CA MET A 631 6.18 0.36 -1.89
C MET A 631 6.42 1.74 -2.48
N ILE A 632 7.60 1.99 -3.07
CA ILE A 632 7.81 3.29 -3.70
C ILE A 632 7.12 3.33 -5.05
N GLY A 633 6.91 2.18 -5.70
CA GLY A 633 6.11 2.16 -6.91
C GLY A 633 4.65 2.46 -6.62
N LEU A 634 4.11 1.87 -5.55
CA LEU A 634 2.73 2.13 -5.17
C LEU A 634 2.52 3.59 -4.79
N ILE A 635 3.45 4.16 -4.03
CA ILE A 635 3.29 5.54 -3.56
C ILE A 635 3.40 6.52 -4.73
N ILE A 636 4.16 6.16 -5.77
CA ILE A 636 4.21 6.98 -6.98
C ILE A 636 2.86 6.98 -7.69
N ALA A 637 2.21 5.82 -7.74
CA ALA A 637 0.94 5.70 -8.44
C ALA A 637 -0.18 6.45 -7.72
N VAL A 638 -0.27 6.29 -6.39
CA VAL A 638 -1.36 6.90 -5.63
C VAL A 638 -1.24 8.42 -5.64
N ILE A 639 -0.04 8.93 -5.34
CA ILE A 639 0.16 10.37 -5.26
C ILE A 639 -0.12 11.03 -6.61
N TRP A 640 0.36 10.43 -7.69
CA TRP A 640 0.15 11.01 -9.01
C TRP A 640 -1.32 11.09 -9.37
N GLY A 641 -2.03 9.95 -9.27
CA GLY A 641 -3.44 9.94 -9.59
C GLY A 641 -4.27 10.80 -8.66
N LEU A 642 -3.80 10.99 -7.42
CA LEU A 642 -4.51 11.82 -6.46
C LEU A 642 -4.32 13.29 -6.77
N SER A 643 -3.08 13.70 -7.04
CA SER A 643 -2.82 15.11 -7.37
C SER A 643 -3.47 15.49 -8.69
N THR A 644 -3.52 14.56 -9.65
CA THR A 644 -4.18 14.85 -10.92
C THR A 644 -5.68 15.00 -10.74
N ASP A 645 -6.28 14.17 -9.89
CA ASP A 645 -7.72 14.27 -9.64
C ASP A 645 -8.07 15.64 -9.06
N TYR A 646 -7.25 16.15 -8.15
CA TYR A 646 -7.54 17.45 -7.55
C TYR A 646 -7.28 18.60 -8.52
N GLU A 647 -6.44 18.38 -9.52
CA GLU A 647 -6.32 19.36 -10.59
C GLU A 647 -7.55 19.34 -11.50
N VAL A 648 -8.10 18.15 -11.73
CA VAL A 648 -9.30 18.03 -12.57
C VAL A 648 -10.48 18.69 -11.88
N PHE A 649 -10.60 18.54 -10.56
CA PHE A 649 -11.70 19.17 -9.83
C PHE A 649 -11.63 20.70 -9.95
N LEU A 650 -10.42 21.24 -9.98
CA LEU A 650 -10.22 22.69 -10.00
C LEU A 650 -10.46 23.27 -11.40
N VAL A 651 -9.67 22.80 -12.37
CA VAL A 651 -9.70 23.37 -13.71
C VAL A 651 -11.01 23.07 -14.44
N SER A 652 -11.74 22.03 -14.04
CA SER A 652 -13.01 21.73 -14.70
C SER A 652 -13.99 22.89 -14.58
N ARG A 653 -13.89 23.67 -13.50
CA ARG A 653 -14.69 24.89 -13.38
C ARG A 653 -14.03 26.08 -14.04
N MET A 654 -12.70 26.10 -14.11
CA MET A 654 -12.01 27.15 -14.85
C MET A 654 -12.33 27.06 -16.34
N VAL A 655 -12.28 25.85 -16.90
CA VAL A 655 -12.61 25.69 -18.32
C VAL A 655 -14.10 25.93 -18.55
N GLU A 656 -14.94 25.50 -17.60
CA GLU A 656 -16.38 25.70 -17.76
C GLU A 656 -16.73 27.18 -17.75
N ALA A 657 -16.08 27.95 -16.87
CA ALA A 657 -16.28 29.40 -16.90
C ALA A 657 -15.67 30.01 -18.14
N ARG A 658 -14.52 29.50 -18.58
CA ARG A 658 -13.87 30.02 -19.79
C ARG A 658 -14.73 29.76 -21.02
N GLU A 659 -15.37 28.58 -21.10
CA GLU A 659 -16.22 28.27 -22.23
C GLU A 659 -17.44 29.18 -22.34
N ARG A 660 -17.75 29.95 -21.30
CA ARG A 660 -18.84 30.92 -21.33
C ARG A 660 -18.40 32.26 -21.89
N GLY A 661 -17.18 32.37 -22.42
CA GLY A 661 -16.69 33.60 -23.00
C GLY A 661 -15.92 34.51 -22.07
N MET A 662 -15.62 34.05 -20.86
CA MET A 662 -14.95 34.89 -19.87
C MET A 662 -13.45 34.94 -20.13
N SER A 663 -12.81 35.94 -19.55
CA SER A 663 -11.37 36.10 -19.70
C SER A 663 -10.62 35.03 -18.91
N THR A 664 -9.31 34.95 -19.14
CA THR A 664 -8.50 33.96 -18.45
C THR A 664 -8.46 34.24 -16.96
N ALA A 665 -8.19 35.50 -16.58
CA ALA A 665 -8.16 35.84 -15.16
C ALA A 665 -9.53 35.68 -14.50
N GLU A 666 -10.61 35.86 -15.27
CA GLU A 666 -11.93 35.62 -14.72
C GLU A 666 -12.22 34.12 -14.59
N ALA A 667 -11.87 33.35 -15.62
CA ALA A 667 -12.07 31.91 -15.57
C ALA A 667 -11.29 31.28 -14.41
N ILE A 668 -10.04 31.73 -14.22
CA ILE A 668 -9.25 31.27 -13.08
C ILE A 668 -9.98 31.58 -11.77
N ARG A 669 -10.23 32.86 -11.52
CA ARG A 669 -10.85 33.28 -10.27
C ARG A 669 -12.16 32.54 -10.02
N ILE A 670 -13.07 32.55 -11.00
CA ILE A 670 -14.35 31.87 -10.84
C ILE A 670 -14.14 30.38 -10.64
N GLY A 671 -13.14 29.81 -11.31
CA GLY A 671 -12.81 28.41 -11.12
C GLY A 671 -12.46 28.08 -9.69
N THR A 672 -11.41 28.71 -9.16
CA THR A 672 -10.95 28.45 -7.80
C THR A 672 -11.76 29.18 -6.73
N ALA A 673 -12.95 29.66 -7.05
CA ALA A 673 -13.87 30.22 -6.07
C ALA A 673 -15.16 29.44 -5.95
N THR A 674 -15.68 28.93 -7.07
CA THR A 674 -16.84 28.05 -7.03
C THR A 674 -16.49 26.64 -6.55
N THR A 675 -15.21 26.33 -6.39
CA THR A 675 -14.78 25.03 -5.92
C THR A 675 -13.71 25.09 -4.83
N GLY A 676 -13.30 26.29 -4.42
CA GLY A 676 -12.26 26.41 -3.40
C GLY A 676 -12.66 25.81 -2.07
N ARG A 677 -13.95 25.78 -1.78
CA ARG A 677 -14.44 25.15 -0.55
C ARG A 677 -14.62 23.65 -0.73
N LEU A 678 -15.03 23.21 -1.92
CA LEU A 678 -15.19 21.77 -2.17
C LEU A 678 -13.85 21.06 -2.14
N ILE A 679 -12.87 21.55 -2.91
CA ILE A 679 -11.55 20.94 -2.94
C ILE A 679 -10.91 21.00 -1.55
N THR A 680 -11.20 22.04 -0.78
CA THR A 680 -10.70 22.10 0.59
C THR A 680 -11.34 21.02 1.46
N GLY A 681 -12.66 20.85 1.34
CA GLY A 681 -13.37 19.82 2.07
C GLY A 681 -13.10 18.42 1.57
N ALA A 682 -12.94 18.26 0.25
CA ALA A 682 -12.63 16.96 -0.31
C ALA A 682 -11.26 16.46 0.12
N ALA A 683 -10.36 17.37 0.54
CA ALA A 683 -9.03 17.00 0.97
C ALA A 683 -8.99 16.62 2.45
N LEU A 684 -9.79 17.30 3.29
CA LEU A 684 -9.79 16.98 4.71
C LEU A 684 -10.31 15.58 4.97
N ILE A 685 -11.34 15.16 4.22
CA ILE A 685 -11.92 13.82 4.41
C ILE A 685 -10.86 12.76 4.14
N LEU A 686 -10.22 12.82 2.98
CA LEU A 686 -9.15 11.89 2.65
C LEU A 686 -7.95 12.04 3.56
N ALA A 687 -7.77 13.21 4.17
CA ALA A 687 -6.68 13.41 5.12
C ALA A 687 -7.00 12.80 6.48
N VAL A 688 -8.27 12.84 6.90
CA VAL A 688 -8.65 12.26 8.18
C VAL A 688 -8.42 10.75 8.18
N VAL A 689 -8.90 10.06 7.14
CA VAL A 689 -8.71 8.62 7.07
C VAL A 689 -7.23 8.27 6.90
N ALA A 690 -6.47 9.13 6.22
CA ALA A 690 -5.03 8.94 6.16
C ALA A 690 -4.39 9.14 7.53
N GLY A 691 -4.87 10.14 8.28
CA GLY A 691 -4.38 10.39 9.62
C GLY A 691 -4.69 9.31 10.62
N ALA A 692 -5.53 8.34 10.27
CA ALA A 692 -5.80 7.20 11.13
C ALA A 692 -4.84 6.05 10.89
N PHE A 693 -4.26 5.96 9.69
CA PHE A 693 -3.27 4.94 9.38
C PHE A 693 -1.84 5.38 9.67
N VAL A 694 -1.62 6.67 9.97
CA VAL A 694 -0.29 7.12 10.38
C VAL A 694 0.05 6.68 11.79
N PHE A 695 -0.92 6.14 12.53
CA PHE A 695 -0.69 5.57 13.85
C PHE A 695 -0.56 4.06 13.80
N SER A 696 -0.46 3.47 12.62
CA SER A 696 -0.36 2.03 12.49
C SER A 696 0.97 1.53 13.01
N ASP A 697 0.93 0.42 13.75
CA ASP A 697 2.17 -0.22 14.19
C ASP A 697 3.03 -0.66 13.02
N LEU A 698 2.44 -0.86 11.85
CA LEU A 698 3.18 -1.21 10.65
C LEU A 698 3.78 0.05 10.04
N VAL A 699 5.09 0.05 9.85
CA VAL A 699 5.79 1.29 9.49
C VAL A 699 5.53 1.66 8.04
N MET A 700 5.40 0.68 7.15
CA MET A 700 5.15 0.97 5.75
C MET A 700 3.72 1.42 5.49
N MET A 701 2.83 1.29 6.47
CA MET A 701 1.53 1.95 6.36
C MET A 701 1.61 3.40 6.81
N LYS A 702 2.45 3.68 7.81
CA LYS A 702 2.76 5.07 8.14
C LYS A 702 3.36 5.79 6.95
N TYR A 703 4.25 5.12 6.22
CA TYR A 703 4.87 5.71 5.03
C TYR A 703 3.83 6.04 3.97
N LEU A 704 2.87 5.14 3.75
CA LEU A 704 1.84 5.37 2.73
C LEU A 704 0.85 6.44 3.19
N ALA A 705 0.36 6.34 4.42
CA ALA A 705 -0.64 7.28 4.90
C ALA A 705 -0.07 8.70 5.01
N PHE A 706 1.20 8.82 5.41
CA PHE A 706 1.84 10.14 5.44
C PHE A 706 2.00 10.69 4.03
N GLY A 707 2.29 9.82 3.06
CA GLY A 707 2.43 10.28 1.69
C GLY A 707 1.15 10.90 1.15
N LEU A 708 0.00 10.30 1.48
CA LEU A 708 -1.28 10.91 1.12
C LEU A 708 -1.49 12.20 1.89
N LEU A 709 -1.16 12.20 3.19
CA LEU A 709 -1.36 13.39 4.02
C LEU A 709 -0.52 14.56 3.54
N ILE A 710 0.73 14.30 3.17
CA ILE A 710 1.62 15.38 2.73
C ILE A 710 1.19 15.91 1.37
N ALA A 711 0.98 15.02 0.40
CA ALA A 711 0.61 15.45 -0.94
C ALA A 711 -0.74 16.14 -0.97
N LEU A 712 -1.67 15.70 -0.12
CA LEU A 712 -2.99 16.34 -0.05
C LEU A 712 -2.86 17.79 0.39
N LEU A 713 -2.13 18.03 1.47
CA LEU A 713 -1.90 19.40 1.95
C LEU A 713 -1.15 20.23 0.91
N LEU A 714 -0.17 19.62 0.25
CA LEU A 714 0.60 20.34 -0.77
C LEU A 714 -0.28 20.71 -1.96
N ASP A 715 -1.15 19.80 -2.40
CA ASP A 715 -2.00 20.08 -3.56
C ASP A 715 -3.10 21.07 -3.21
N ALA A 716 -3.73 20.91 -2.05
CA ALA A 716 -4.90 21.69 -1.69
C ALA A 716 -4.56 23.07 -1.14
N THR A 717 -3.28 23.37 -0.91
CA THR A 717 -2.88 24.69 -0.42
C THR A 717 -1.85 25.33 -1.33
N ILE A 718 -0.61 24.83 -1.34
CA ILE A 718 0.45 25.47 -2.12
C ILE A 718 0.11 25.45 -3.60
N ILE A 719 -0.30 24.29 -4.11
CA ILE A 719 -0.59 24.15 -5.54
C ILE A 719 -1.84 24.94 -5.91
N ARG A 720 -2.96 24.63 -5.27
CA ARG A 720 -4.24 25.15 -5.70
C ARG A 720 -4.34 26.66 -5.48
N MET A 721 -3.87 27.16 -4.35
CA MET A 721 -4.10 28.56 -4.00
C MET A 721 -3.09 29.51 -4.61
N PHE A 722 -1.90 29.04 -4.99
CA PHE A 722 -0.86 29.95 -5.45
C PHE A 722 -0.29 29.55 -6.80
N LEU A 723 0.18 28.32 -6.93
CA LEU A 723 0.92 27.93 -8.13
C LEU A 723 0.01 27.82 -9.34
N VAL A 724 -1.22 27.35 -9.15
CA VAL A 724 -2.17 27.23 -10.26
C VAL A 724 -2.55 28.62 -10.77
N PRO A 725 -3.03 29.55 -9.94
CA PRO A 725 -3.41 30.87 -10.49
C PRO A 725 -2.25 31.67 -11.01
N ALA A 726 -1.05 31.50 -10.45
CA ALA A 726 0.10 32.29 -10.92
C ALA A 726 0.56 31.83 -12.30
N VAL A 727 0.74 30.52 -12.47
CA VAL A 727 1.24 30.00 -13.74
C VAL A 727 0.21 30.19 -14.85
N MET A 728 -1.07 30.01 -14.53
CA MET A 728 -2.10 30.19 -15.53
C MET A 728 -2.24 31.65 -15.95
N LYS A 729 -1.92 32.59 -15.05
CA LYS A 729 -1.96 33.99 -15.42
C LYS A 729 -0.86 34.35 -16.40
N LEU A 730 0.34 33.79 -16.21
CA LEU A 730 1.43 34.01 -17.15
C LEU A 730 1.07 33.52 -18.55
N LEU A 731 0.45 32.35 -18.63
CA LEU A 731 0.10 31.77 -19.92
C LEU A 731 -1.01 32.55 -20.60
N GLY A 732 -1.94 33.11 -19.83
CA GLY A 732 -3.00 33.90 -20.42
C GLY A 732 -3.97 33.04 -21.20
N ASP A 733 -4.38 33.53 -22.38
CA ASP A 733 -5.28 32.77 -23.24
C ASP A 733 -4.62 31.53 -23.81
N ASP A 734 -3.30 31.39 -23.69
CA ASP A 734 -2.65 30.14 -24.09
C ASP A 734 -3.12 28.96 -23.24
N CYS A 735 -3.56 29.23 -22.02
CA CYS A 735 -4.01 28.17 -21.11
C CYS A 735 -5.04 27.27 -21.75
N TRP A 736 -5.89 27.82 -22.62
CA TRP A 736 -7.02 27.08 -23.18
C TRP A 736 -6.77 26.60 -24.59
N TRP A 737 -5.58 26.83 -25.14
CA TRP A 737 -5.33 26.52 -26.55
C TRP A 737 -5.24 25.02 -26.78
N ALA A 738 -5.66 24.61 -27.98
CA ALA A 738 -5.58 23.23 -28.43
C ALA A 738 -5.67 23.23 -29.94
N PRO A 739 -4.85 22.42 -30.64
CA PRO A 739 -4.99 22.30 -32.09
C PRO A 739 -6.39 21.84 -32.47
N ARG A 740 -6.84 22.25 -33.66
CA ARG A 740 -8.24 22.03 -34.03
C ARG A 740 -8.51 20.58 -34.39
N TRP A 741 -7.56 19.90 -35.04
CA TRP A 741 -7.77 18.49 -35.38
C TRP A 741 -7.81 17.60 -34.13
N MET A 742 -7.42 18.13 -32.98
CA MET A 742 -7.47 17.38 -31.73
C MET A 742 -8.73 17.68 -30.90
N LYS A 743 -9.34 18.86 -31.09
CA LYS A 743 -10.56 19.20 -30.37
C LYS A 743 -11.78 18.50 -30.94
N ARG A 744 -11.81 18.26 -32.26
CA ARG A 744 -12.93 17.56 -32.86
C ARG A 744 -12.94 16.08 -32.50
N VAL A 745 -11.77 15.47 -32.30
CA VAL A 745 -11.70 14.09 -31.87
C VAL A 745 -12.37 13.92 -30.52
N GLN A 746 -12.04 14.81 -29.62
CA GLN A 746 -12.64 14.77 -28.33
C GLN A 746 -14.12 14.95 -28.56
N GLU A 747 -14.45 15.85 -29.47
CA GLU A 747 -15.84 16.09 -29.78
C GLU A 747 -16.50 14.87 -30.38
N LYS A 748 -15.76 14.18 -31.25
CA LYS A 748 -16.31 13.03 -31.93
C LYS A 748 -16.70 11.91 -30.96
N LEU A 749 -15.90 11.71 -29.93
CA LEU A 749 -16.14 10.65 -28.97
C LEU A 749 -17.32 10.85 -28.02
N GLY A 750 -17.87 12.06 -27.93
CA GLY A 750 -18.87 12.37 -26.92
C GLY A 750 -18.29 12.94 -25.64
N LEU A 751 -17.14 13.60 -25.71
CA LEU A 751 -16.46 14.11 -24.53
C LEU A 751 -16.23 15.63 -24.62
N GLY A 752 -17.00 16.33 -25.44
CA GLY A 752 -16.82 17.75 -25.61
C GLY A 752 -17.86 18.60 -24.90
N GLU A 753 -18.39 18.07 -23.79
CA GLU A 753 -19.38 18.79 -22.99
C GLU A 753 -18.73 19.66 -21.92
N THR A 754 -17.65 20.36 -22.27
CA THR A 754 -16.99 21.25 -21.33
C THR A 754 -17.80 22.49 -21.00
N GLU A 755 -18.90 22.68 -21.76
CA GLU A 755 -19.82 23.80 -21.63
C GLU A 755 -21.32 23.40 -21.70
N LEU A 756 -22.17 24.10 -20.93
CA LEU A 756 -23.63 23.86 -20.89
C LEU A 756 -24.49 24.55 -21.99
N PRO A 757 -25.68 23.98 -22.28
CA PRO A 757 -26.76 24.33 -23.21
C PRO A 757 -27.75 25.42 -22.73
N ASP A 758 -28.57 25.99 -23.63
CA ASP A 758 -29.50 27.01 -23.26
C ASP A 758 -30.68 26.28 -22.68
N GLU A 759 -30.96 26.61 -21.43
CA GLU A 759 -32.05 26.02 -20.69
C GLU A 759 -32.82 27.18 -20.07
N ARG A 760 -34.07 26.94 -19.73
CA ARG A 760 -34.87 28.04 -19.18
C ARG A 760 -35.38 27.64 -17.80
N LYS A 761 -34.83 28.26 -16.76
CA LYS A 761 -35.27 28.03 -15.39
C LYS A 761 -34.69 29.08 -14.44
#